data_3BI4
#
_entry.id   3BI4
#
_cell.length_a   161.589
_cell.length_b   102.852
_cell.length_c   76.647
_cell.angle_alpha   90.000
_cell.angle_beta   94.370
_cell.angle_gamma   90.000
#
_symmetry.space_group_name_H-M   'C 1 2 1'
#
loop_
_entity.id
_entity.type
_entity.pdbx_description
1 polymer 'Polyamine oxidase FMS1'
2 non-polymer 'FLAVIN-ADENINE DINUCLEOTIDE'
3 non-polymer "N-[(1E,2Z)-but-2-en-1-ylidene]-N'-[(2E)-but-2-en-1-ylidene]butane-1,4-diamine"
4 water water
#
_entity_poly.entity_id   1
_entity_poly.type   'polypeptide(L)'
_entity_poly.pdbx_seq_one_letter_code
;MNTVSPAKKKVIIIGAGIAGLKAASTLHQNGIQDCLVLEARDRVGGRLQTVTGYQGRKYDIGASWHHDTLTNPLFLEEAQ
LSLNDGRTRFVFDDDNFIYIDEERGRVDHDKELLLEIVDNEMSKFAELEFHQHLGVSDCSFFQLVMKYLLQRRQFLTNDQ
IRYLPQLCRYLELWHGLDWKLLSAKDTYFGHQGRNAFALNYDSVVQRIAQSFPQNWLKLSCEVKSITREPSKNVTVNCED
GTVYNADYVIITVPQSVLNLSVQPEKNLRGRIEFQPPLKPVIQDAFDKIHFGALGKVIFEFEECCWSNESSKIVTLANST
NEFVEIVRNAENLDELDSMLEREDSQKHTSVTCWSQPLFFVNLSKSTGVASFMMLMQAPLTNHIESIREDKERLFSFFQP
VLNKIMKCLDSEDVIDGMRPIENIANANKPVLRNIIVSNWTRDPYSRGAYSACFPGDDPVDMVVAMSNGQDSRIRFAGEH
TIMDGAGCAYGAWESGRREATRISDLLKLEHHHHHH
;
_entity_poly.pdbx_strand_id   A,B
#
# COMPACT_ATOMS: atom_id res chain seq x y z
N SER A 5 54.14 -16.00 19.71
CA SER A 5 53.92 -17.06 18.68
C SER A 5 52.64 -16.81 17.88
N PRO A 6 51.48 -16.67 18.56
CA PRO A 6 50.22 -16.43 17.85
C PRO A 6 50.23 -15.12 17.07
N ALA A 7 50.07 -15.23 15.75
CA ALA A 7 50.07 -14.08 14.85
C ALA A 7 49.19 -12.92 15.28
N LYS A 8 49.71 -11.71 15.11
CA LYS A 8 49.02 -10.47 15.46
C LYS A 8 48.29 -9.90 14.25
N LYS A 9 47.02 -9.55 14.42
CA LYS A 9 46.26 -8.98 13.33
C LYS A 9 45.46 -7.82 13.88
N LYS A 10 45.16 -6.84 13.05
CA LYS A 10 44.40 -5.70 13.52
C LYS A 10 42.94 -6.11 13.72
N VAL A 11 42.38 -6.76 12.72
CA VAL A 11 40.99 -7.20 12.78
C VAL A 11 40.82 -8.60 12.20
N ILE A 12 40.06 -9.44 12.91
CA ILE A 12 39.77 -10.77 12.43
C ILE A 12 38.26 -10.86 12.26
N ILE A 13 37.84 -11.11 11.03
CA ILE A 13 36.42 -11.24 10.71
C ILE A 13 36.09 -12.74 10.63
N ILE A 14 35.11 -13.19 11.42
CA ILE A 14 34.73 -14.59 11.39
C ILE A 14 33.55 -14.76 10.43
N GLY A 15 33.78 -15.44 9.32
CA GLY A 15 32.73 -15.65 8.35
C GLY A 15 32.86 -14.83 7.10
N ALA A 16 32.84 -15.50 5.96
CA ALA A 16 32.96 -14.81 4.67
C ALA A 16 31.64 -14.71 3.94
N GLY A 17 30.58 -14.45 4.69
CA GLY A 17 29.28 -14.23 4.07
C GLY A 17 29.33 -12.77 3.63
N ILE A 18 28.21 -12.19 3.23
CA ILE A 18 28.28 -10.82 2.75
C ILE A 18 28.63 -9.77 3.83
N ALA A 19 28.18 -9.97 5.06
CA ALA A 19 28.50 -9.04 6.13
C ALA A 19 30.01 -9.00 6.35
N GLY A 20 30.61 -10.19 6.46
CA GLY A 20 32.03 -10.30 6.67
C GLY A 20 32.87 -9.82 5.52
N LEU A 21 32.43 -10.12 4.30
CA LEU A 21 33.17 -9.70 3.13
C LEU A 21 33.12 -8.16 3.04
N LYS A 22 31.94 -7.60 3.32
CA LYS A 22 31.81 -6.15 3.26
C LYS A 22 32.67 -5.52 4.37
N ALA A 23 32.71 -6.15 5.54
CA ALA A 23 33.51 -5.64 6.64
C ALA A 23 34.96 -5.50 6.18
N ALA A 24 35.48 -6.57 5.58
CA ALA A 24 36.84 -6.61 5.06
C ALA A 24 37.06 -5.56 3.97
N SER A 25 36.11 -5.46 3.05
CA SER A 25 36.19 -4.49 1.98
C SER A 25 36.27 -3.07 2.54
N THR A 26 35.47 -2.79 3.57
CA THR A 26 35.45 -1.48 4.20
C THR A 26 36.78 -1.19 4.92
N LEU A 27 37.30 -2.16 5.66
CA LEU A 27 38.56 -2.00 6.37
C LEU A 27 39.66 -1.60 5.40
N HIS A 28 39.81 -2.39 4.32
CA HIS A 28 40.82 -2.11 3.31
C HIS A 28 40.62 -0.73 2.71
N GLN A 29 39.35 -0.39 2.47
CA GLN A 29 38.98 0.89 1.90
C GLN A 29 39.45 2.03 2.79
N ASN A 30 39.38 1.82 4.10
CA ASN A 30 39.81 2.82 5.07
C ASN A 30 41.27 2.64 5.47
N GLY A 31 42.03 1.94 4.63
CA GLY A 31 43.45 1.74 4.90
C GLY A 31 43.92 0.84 6.03
N ILE A 32 43.03 0.00 6.57
CA ILE A 32 43.44 -0.88 7.66
C ILE A 32 44.17 -2.07 7.03
N GLN A 33 45.26 -2.50 7.65
CA GLN A 33 46.09 -3.59 7.15
C GLN A 33 46.18 -4.75 8.12
N ASP A 34 46.73 -5.87 7.63
CA ASP A 34 46.93 -7.04 8.46
C ASP A 34 45.66 -7.51 9.16
N CYS A 35 44.67 -7.84 8.34
CA CYS A 35 43.40 -8.32 8.83
C CYS A 35 43.18 -9.73 8.30
N LEU A 36 42.10 -10.36 8.72
CA LEU A 36 41.84 -11.73 8.32
C LEU A 36 40.35 -12.06 8.27
N VAL A 37 39.95 -12.88 7.30
CA VAL A 37 38.57 -13.32 7.19
C VAL A 37 38.66 -14.84 7.28
N LEU A 38 38.13 -15.40 8.37
CA LEU A 38 38.18 -16.83 8.59
C LEU A 38 36.83 -17.47 8.30
N GLU A 39 36.80 -18.34 7.29
CA GLU A 39 35.56 -19.01 6.87
C GLU A 39 35.59 -20.53 7.01
N ALA A 40 34.62 -21.08 7.76
CA ALA A 40 34.53 -22.52 8.00
C ALA A 40 34.33 -23.33 6.72
N ARG A 41 33.46 -22.87 5.84
CA ARG A 41 33.19 -23.54 4.57
C ARG A 41 34.35 -23.37 3.58
N ASP A 42 34.30 -24.14 2.49
CA ASP A 42 35.35 -24.05 1.48
C ASP A 42 34.95 -23.10 0.34
N ARG A 43 34.15 -22.10 0.65
CA ARG A 43 33.70 -21.11 -0.34
C ARG A 43 33.24 -19.87 0.41
N VAL A 44 33.15 -18.75 -0.30
CA VAL A 44 32.67 -17.50 0.30
C VAL A 44 31.23 -17.31 -0.14
N GLY A 45 30.55 -16.36 0.50
CA GLY A 45 29.17 -16.08 0.14
C GLY A 45 28.11 -16.40 1.19
N GLY A 46 28.31 -17.46 1.95
CA GLY A 46 27.34 -17.82 2.96
C GLY A 46 25.98 -18.14 2.36
N ARG A 47 24.94 -17.44 2.82
CA ARG A 47 23.61 -17.67 2.32
C ARG A 47 23.41 -17.04 0.96
N LEU A 48 24.52 -16.65 0.36
CA LEU A 48 24.55 -16.13 -1.00
C LEU A 48 25.34 -17.21 -1.72
N GLN A 49 24.63 -18.12 -2.39
CA GLN A 49 25.25 -19.21 -3.12
C GLN A 49 24.55 -19.53 -4.44
N THR A 50 25.31 -19.52 -5.52
CA THR A 50 24.79 -19.81 -6.85
C THR A 50 25.25 -21.19 -7.29
N VAL A 51 24.29 -22.09 -7.52
CA VAL A 51 24.63 -23.46 -7.95
C VAL A 51 24.43 -23.69 -9.44
N THR A 52 24.99 -24.79 -9.94
CA THR A 52 24.86 -25.15 -11.34
C THR A 52 24.00 -26.41 -11.43
N GLY A 53 23.19 -26.49 -12.49
CA GLY A 53 22.32 -27.63 -12.69
C GLY A 53 22.29 -28.07 -14.15
N TYR A 54 21.15 -28.56 -14.60
CA TYR A 54 20.97 -29.04 -15.98
C TYR A 54 21.56 -28.12 -17.04
N GLN A 55 22.42 -28.67 -17.89
CA GLN A 55 23.05 -27.93 -18.98
C GLN A 55 23.78 -26.68 -18.51
N GLY A 56 24.32 -26.72 -17.29
CA GLY A 56 25.05 -25.58 -16.77
C GLY A 56 24.21 -24.37 -16.39
N ARG A 57 22.90 -24.55 -16.28
CA ARG A 57 22.02 -23.45 -15.89
C ARG A 57 22.36 -23.02 -14.47
N LYS A 58 22.40 -21.71 -14.23
CA LYS A 58 22.73 -21.18 -12.91
C LYS A 58 21.54 -20.70 -12.09
N TYR A 59 21.59 -20.94 -10.78
CA TYR A 59 20.52 -20.53 -9.88
C TYR A 59 21.02 -20.14 -8.49
N ASP A 60 20.49 -19.05 -7.96
CA ASP A 60 20.85 -18.66 -6.60
C ASP A 60 20.01 -19.56 -5.70
N ILE A 61 20.67 -20.37 -4.87
CA ILE A 61 19.96 -21.29 -4.00
C ILE A 61 19.69 -20.65 -2.64
N GLY A 62 20.32 -19.48 -2.42
CA GLY A 62 20.11 -18.74 -1.19
C GLY A 62 19.37 -17.48 -1.61
N ALA A 63 19.88 -16.31 -1.26
CA ALA A 63 19.27 -15.04 -1.64
C ALA A 63 19.17 -14.92 -3.16
N SER A 64 18.08 -14.30 -3.63
CA SER A 64 17.85 -14.15 -5.08
C SER A 64 17.55 -12.72 -5.51
N TRP A 65 16.88 -11.98 -4.66
CA TRP A 65 16.50 -10.61 -5.02
C TRP A 65 17.16 -9.50 -4.24
N HIS A 66 17.20 -8.33 -4.86
CA HIS A 66 17.68 -7.11 -4.22
C HIS A 66 16.32 -6.58 -3.79
N HIS A 67 16.08 -6.46 -2.49
CA HIS A 67 14.80 -5.94 -2.02
C HIS A 67 14.93 -4.43 -1.77
N ASP A 68 13.78 -3.78 -1.60
CA ASP A 68 13.72 -2.35 -1.32
C ASP A 68 14.68 -1.55 -2.22
N THR A 69 14.55 -1.71 -3.53
CA THR A 69 15.43 -1.02 -4.46
C THR A 69 15.41 0.50 -4.47
N LEU A 70 14.41 1.13 -3.84
CA LEU A 70 14.39 2.60 -3.80
C LEU A 70 15.44 3.12 -2.82
N THR A 71 15.82 2.31 -1.84
CA THR A 71 16.78 2.71 -0.84
C THR A 71 17.93 1.75 -0.56
N ASN A 72 17.83 0.53 -1.05
CA ASN A 72 18.85 -0.52 -0.87
C ASN A 72 20.23 -0.03 -1.39
N PRO A 73 21.17 0.29 -0.48
CA PRO A 73 22.51 0.77 -0.87
C PRO A 73 23.34 -0.21 -1.71
N LEU A 74 23.19 -1.50 -1.41
CA LEU A 74 23.91 -2.50 -2.17
C LEU A 74 23.37 -2.54 -3.60
N PHE A 75 22.06 -2.46 -3.75
CA PHE A 75 21.47 -2.48 -5.10
C PHE A 75 21.89 -1.23 -5.89
N LEU A 76 21.89 -0.08 -5.23
CA LEU A 76 22.29 1.15 -5.90
C LEU A 76 23.71 1.04 -6.46
N GLU A 77 24.61 0.38 -5.73
CA GLU A 77 25.99 0.20 -6.22
C GLU A 77 26.00 -0.63 -7.49
N GLU A 78 25.31 -1.77 -7.44
CA GLU A 78 25.23 -2.65 -8.59
C GLU A 78 24.65 -1.89 -9.78
N ALA A 79 23.66 -1.05 -9.51
CA ALA A 79 23.01 -0.29 -10.58
C ALA A 79 23.98 0.72 -11.19
N GLN A 80 24.85 1.30 -10.37
CA GLN A 80 25.83 2.27 -10.86
C GLN A 80 26.79 1.54 -11.80
N LEU A 81 27.15 0.31 -11.45
CA LEU A 81 28.06 -0.49 -12.29
C LEU A 81 27.42 -0.79 -13.64
N SER A 82 26.19 -1.28 -13.63
CA SER A 82 25.49 -1.60 -14.87
C SER A 82 25.28 -0.35 -15.72
N LEU A 83 25.00 0.76 -15.08
CA LEU A 83 24.79 2.00 -15.81
C LEU A 83 26.03 2.40 -16.60
N ASN A 84 27.22 2.06 -16.08
CA ASN A 84 28.48 2.40 -16.73
C ASN A 84 28.98 1.40 -17.76
N ASP A 85 29.03 0.12 -17.41
CA ASP A 85 29.54 -0.88 -18.33
C ASP A 85 28.46 -1.55 -19.20
N GLY A 86 27.20 -1.25 -18.91
CA GLY A 86 26.13 -1.85 -19.70
C GLY A 86 25.93 -3.33 -19.49
N ARG A 87 26.61 -3.92 -18.50
CA ARG A 87 26.44 -5.34 -18.24
C ARG A 87 25.16 -5.57 -17.42
N THR A 88 24.47 -6.66 -17.70
CA THR A 88 23.23 -7.00 -16.99
C THR A 88 23.53 -7.73 -15.70
N ARG A 89 23.23 -7.10 -14.57
CA ARG A 89 23.48 -7.69 -13.26
C ARG A 89 22.20 -8.06 -12.53
N PHE A 90 21.05 -7.65 -13.06
CA PHE A 90 19.78 -7.93 -12.42
C PHE A 90 18.64 -7.62 -13.36
N VAL A 91 17.43 -8.02 -13.00
CA VAL A 91 16.26 -7.79 -13.82
C VAL A 91 15.06 -7.57 -12.91
N PHE A 92 14.29 -6.53 -13.16
CA PHE A 92 13.12 -6.27 -12.35
C PHE A 92 12.07 -7.27 -12.79
N ASP A 93 11.79 -8.24 -11.93
CA ASP A 93 10.85 -9.29 -12.28
C ASP A 93 9.52 -9.28 -11.55
N ASP A 94 9.14 -8.16 -10.95
CA ASP A 94 7.84 -8.12 -10.29
C ASP A 94 6.84 -8.30 -11.43
N ASP A 95 5.68 -8.86 -11.12
CA ASP A 95 4.68 -9.13 -12.15
C ASP A 95 3.33 -9.27 -11.48
N ASN A 96 2.28 -9.46 -12.28
CA ASN A 96 0.97 -9.65 -11.69
C ASN A 96 0.92 -11.11 -11.28
N PHE A 97 0.61 -11.34 -10.00
CA PHE A 97 0.55 -12.69 -9.47
C PHE A 97 -0.59 -13.52 -10.04
N ILE A 98 -0.26 -14.76 -10.38
CA ILE A 98 -1.23 -15.72 -10.89
C ILE A 98 -1.49 -16.61 -9.68
N TYR A 99 -2.76 -16.75 -9.30
CA TYR A 99 -3.11 -17.57 -8.15
C TYR A 99 -3.90 -18.81 -8.59
N ILE A 100 -3.45 -19.97 -8.16
CA ILE A 100 -4.09 -21.22 -8.56
C ILE A 100 -4.59 -22.09 -7.41
N ASP A 101 -5.87 -22.45 -7.47
CA ASP A 101 -6.47 -23.33 -6.46
C ASP A 101 -6.58 -24.69 -7.17
N GLU A 102 -6.40 -25.78 -6.44
CA GLU A 102 -6.46 -27.09 -7.06
C GLU A 102 -7.77 -27.38 -7.79
N GLU A 103 -8.89 -27.17 -7.10
CA GLU A 103 -10.20 -27.41 -7.69
C GLU A 103 -10.59 -26.32 -8.67
N ARG A 104 -10.62 -25.08 -8.18
CA ARG A 104 -11.05 -23.94 -8.98
C ARG A 104 -10.14 -23.43 -10.10
N GLY A 105 -8.83 -23.65 -9.99
CA GLY A 105 -7.95 -23.14 -11.03
C GLY A 105 -7.56 -21.70 -10.74
N ARG A 106 -7.31 -20.91 -11.78
CA ARG A 106 -6.93 -19.52 -11.54
C ARG A 106 -8.02 -18.70 -10.86
N VAL A 107 -7.63 -18.01 -9.79
CA VAL A 107 -8.55 -17.16 -9.04
C VAL A 107 -7.98 -15.75 -8.92
N ASP A 108 -7.00 -15.43 -9.78
CA ASP A 108 -6.37 -14.11 -9.77
C ASP A 108 -7.06 -13.12 -10.69
N HIS A 109 -7.05 -11.85 -10.30
CA HIS A 109 -7.66 -10.78 -11.10
C HIS A 109 -9.02 -11.20 -11.61
N ASP A 110 -9.79 -11.85 -10.74
CA ASP A 110 -11.13 -12.35 -11.06
C ASP A 110 -12.22 -11.29 -10.83
N LYS A 111 -12.96 -10.95 -11.87
CA LYS A 111 -14.00 -9.91 -11.79
C LYS A 111 -15.02 -10.05 -10.65
N GLU A 112 -15.20 -11.28 -10.15
CA GLU A 112 -16.14 -11.50 -9.06
C GLU A 112 -15.49 -11.80 -7.71
N LEU A 113 -14.38 -12.54 -7.72
CA LEU A 113 -13.70 -12.87 -6.46
C LEU A 113 -12.96 -11.65 -5.90
N LEU A 114 -12.30 -10.91 -6.78
CA LEU A 114 -11.57 -9.70 -6.40
C LEU A 114 -10.70 -9.90 -5.18
N LEU A 115 -10.07 -11.07 -5.09
CA LEU A 115 -9.22 -11.40 -3.95
C LEU A 115 -8.15 -10.34 -3.66
N GLU A 116 -7.45 -9.90 -4.69
CA GLU A 116 -6.41 -8.89 -4.52
C GLU A 116 -6.91 -7.66 -3.75
N ILE A 117 -8.11 -7.22 -4.06
CA ILE A 117 -8.69 -6.05 -3.41
C ILE A 117 -8.96 -6.26 -1.93
N VAL A 118 -9.54 -7.41 -1.56
CA VAL A 118 -9.81 -7.65 -0.15
C VAL A 118 -8.51 -7.97 0.58
N ASP A 119 -7.51 -8.42 -0.15
CA ASP A 119 -6.23 -8.71 0.47
C ASP A 119 -5.62 -7.37 0.93
N ASN A 120 -5.78 -6.34 0.11
CA ASN A 120 -5.29 -5.01 0.44
C ASN A 120 -6.00 -4.51 1.69
N GLU A 121 -7.30 -4.77 1.79
CA GLU A 121 -8.07 -4.34 2.95
C GLU A 121 -7.54 -5.07 4.18
N MET A 122 -7.28 -6.36 4.01
CA MET A 122 -6.75 -7.20 5.07
C MET A 122 -5.46 -6.58 5.65
N SER A 123 -4.49 -6.28 4.80
CA SER A 123 -3.26 -5.69 5.29
C SER A 123 -3.51 -4.34 5.96
N LYS A 124 -4.49 -3.59 5.47
CA LYS A 124 -4.82 -2.31 6.08
C LYS A 124 -5.42 -2.59 7.46
N PHE A 125 -6.24 -3.63 7.54
CA PHE A 125 -6.85 -4.02 8.81
C PHE A 125 -5.71 -4.31 9.79
N ALA A 126 -4.73 -5.08 9.32
CA ALA A 126 -3.57 -5.45 10.12
C ALA A 126 -2.80 -4.21 10.57
N GLU A 127 -2.66 -3.26 9.66
CA GLU A 127 -1.95 -2.01 9.94
C GLU A 127 -2.66 -1.29 11.07
N LEU A 128 -3.98 -1.16 10.97
CA LEU A 128 -4.76 -0.48 12.00
C LEU A 128 -4.75 -1.25 13.31
N GLU A 129 -4.50 -2.55 13.21
CA GLU A 129 -4.45 -3.43 14.37
C GLU A 129 -3.20 -3.19 15.24
N PHE A 130 -2.05 -3.00 14.61
CA PHE A 130 -0.79 -2.80 15.34
C PHE A 130 -0.12 -1.44 15.18
N HIS A 131 -0.19 -0.87 13.98
CA HIS A 131 0.43 0.41 13.70
C HIS A 131 0.44 1.46 14.81
N GLN A 132 1.61 1.76 15.35
CA GLN A 132 1.72 2.75 16.40
C GLN A 132 0.79 2.50 17.58
N HIS A 133 0.75 1.26 18.07
CA HIS A 133 -0.10 0.91 19.20
C HIS A 133 0.72 0.33 20.35
N LEU A 134 0.50 0.88 21.54
CA LEU A 134 1.20 0.41 22.72
C LEU A 134 0.32 -0.51 23.56
N GLY A 135 0.90 -1.61 24.03
CA GLY A 135 0.15 -2.54 24.85
C GLY A 135 -0.74 -3.52 24.12
N VAL A 136 -0.45 -3.76 22.85
CA VAL A 136 -1.25 -4.68 22.06
C VAL A 136 -0.63 -6.08 22.08
N SER A 137 -1.44 -7.08 22.41
CA SER A 137 -0.98 -8.46 22.44
C SER A 137 -0.65 -8.83 21.00
N ASP A 138 0.29 -9.76 20.82
CA ASP A 138 0.70 -10.15 19.48
C ASP A 138 -0.24 -11.08 18.69
N CYS A 139 -0.20 -12.37 18.98
CA CYS A 139 -1.01 -13.39 18.29
C CYS A 139 -0.36 -13.77 16.95
N SER A 140 -0.74 -14.92 16.40
CA SER A 140 -0.17 -15.40 15.14
C SER A 140 -0.81 -14.73 13.93
N PHE A 141 -0.16 -14.83 12.78
CA PHE A 141 -0.68 -14.24 11.54
C PHE A 141 -2.03 -14.91 11.27
N PHE A 142 -2.05 -16.23 11.38
CA PHE A 142 -3.27 -17.01 11.19
C PHE A 142 -4.42 -16.39 11.97
N GLN A 143 -4.21 -16.20 13.27
CA GLN A 143 -5.22 -15.62 14.15
C GLN A 143 -5.66 -14.21 13.71
N LEU A 144 -4.74 -13.42 13.16
CA LEU A 144 -5.09 -12.06 12.72
C LEU A 144 -6.06 -12.15 11.54
N VAL A 145 -5.77 -13.04 10.61
CA VAL A 145 -6.61 -13.24 9.44
C VAL A 145 -7.98 -13.76 9.85
N MET A 146 -8.02 -14.61 10.87
CA MET A 146 -9.31 -15.14 11.33
C MET A 146 -10.14 -14.02 11.93
N LYS A 147 -9.48 -13.10 12.63
CA LYS A 147 -10.20 -11.99 13.24
C LYS A 147 -10.79 -11.08 12.17
N TYR A 148 -9.99 -10.76 11.16
CA TYR A 148 -10.43 -9.91 10.07
C TYR A 148 -11.70 -10.49 9.44
N LEU A 149 -11.65 -11.78 9.11
CA LEU A 149 -12.78 -12.44 8.48
C LEU A 149 -14.04 -12.33 9.31
N LEU A 150 -13.91 -12.57 10.60
CA LEU A 150 -15.04 -12.51 11.52
C LEU A 150 -15.67 -11.12 11.54
N GLN A 151 -14.83 -10.10 11.69
CA GLN A 151 -15.32 -8.74 11.75
C GLN A 151 -15.85 -8.15 10.46
N ARG A 152 -15.46 -8.72 9.33
CA ARG A 152 -15.90 -8.18 8.05
C ARG A 152 -16.83 -9.11 7.27
N ARG A 153 -17.16 -10.25 7.86
CA ARG A 153 -18.04 -11.25 7.21
C ARG A 153 -19.22 -10.61 6.44
N GLN A 154 -19.86 -9.61 7.03
CA GLN A 154 -20.99 -8.93 6.40
C GLN A 154 -20.64 -8.30 5.06
N PHE A 155 -19.37 -7.98 4.88
CA PHE A 155 -18.91 -7.33 3.66
C PHE A 155 -18.05 -8.21 2.77
N LEU A 156 -18.10 -9.52 3.00
CA LEU A 156 -17.33 -10.47 2.21
C LEU A 156 -18.27 -11.56 1.68
N THR A 157 -18.00 -12.05 0.48
CA THR A 157 -18.82 -13.12 -0.07
C THR A 157 -18.27 -14.43 0.47
N ASN A 158 -18.99 -15.52 0.23
CA ASN A 158 -18.55 -16.83 0.69
C ASN A 158 -17.22 -17.23 0.06
N ASP A 159 -17.12 -17.06 -1.26
CA ASP A 159 -15.89 -17.40 -1.94
C ASP A 159 -14.72 -16.55 -1.48
N GLN A 160 -14.99 -15.30 -1.09
CA GLN A 160 -13.91 -14.45 -0.59
C GLN A 160 -13.44 -14.98 0.77
N ILE A 161 -14.38 -15.41 1.61
CA ILE A 161 -14.04 -15.91 2.92
C ILE A 161 -13.29 -17.24 2.80
N ARG A 162 -13.61 -18.01 1.78
CA ARG A 162 -12.93 -19.28 1.59
C ARG A 162 -11.51 -19.11 1.02
N TYR A 163 -11.40 -18.43 -0.11
CA TYR A 163 -10.11 -18.25 -0.77
C TYR A 163 -9.16 -17.16 -0.26
N LEU A 164 -9.70 -16.04 0.21
CA LEU A 164 -8.83 -14.96 0.68
C LEU A 164 -7.78 -15.36 1.70
N PRO A 165 -8.18 -16.08 2.76
CA PRO A 165 -7.16 -16.47 3.74
C PRO A 165 -6.04 -17.32 3.16
N GLN A 166 -6.31 -18.04 2.07
CA GLN A 166 -5.28 -18.86 1.45
C GLN A 166 -4.34 -18.03 0.58
N LEU A 167 -4.85 -16.95 -0.01
CA LEU A 167 -4.02 -16.08 -0.83
C LEU A 167 -3.13 -15.22 0.07
N CYS A 168 -3.67 -14.76 1.19
CA CYS A 168 -2.92 -13.94 2.16
C CYS A 168 -1.62 -14.62 2.56
N ARG A 169 -1.65 -15.96 2.60
CA ARG A 169 -0.51 -16.75 3.03
C ARG A 169 0.75 -16.68 2.18
N TYR A 170 0.72 -15.96 1.06
CA TYR A 170 1.92 -15.86 0.25
C TYR A 170 3.01 -15.21 1.10
N LEU A 171 2.57 -14.50 2.16
CA LEU A 171 3.50 -13.84 3.06
C LEU A 171 4.36 -14.85 3.82
N GLU A 172 3.89 -16.09 3.91
CA GLU A 172 4.65 -17.13 4.58
C GLU A 172 5.98 -17.28 3.85
N LEU A 173 5.96 -17.03 2.53
CA LEU A 173 7.18 -17.16 1.74
C LEU A 173 8.12 -15.97 1.84
N TRP A 174 7.72 -14.93 2.58
CA TRP A 174 8.59 -13.79 2.78
C TRP A 174 9.32 -14.02 4.10
N HIS A 175 8.67 -14.76 4.99
CA HIS A 175 9.23 -15.06 6.32
C HIS A 175 9.79 -16.47 6.47
N GLY A 176 9.37 -17.38 5.60
CA GLY A 176 9.83 -18.75 5.69
C GLY A 176 9.22 -19.44 6.90
N LEU A 177 8.02 -19.00 7.29
CA LEU A 177 7.30 -19.53 8.45
C LEU A 177 5.81 -19.74 8.16
N ASP A 178 5.24 -20.84 8.64
CA ASP A 178 3.81 -21.13 8.46
C ASP A 178 2.99 -20.09 9.22
N TRP A 179 1.82 -19.72 8.71
CA TRP A 179 1.03 -18.68 9.36
C TRP A 179 0.69 -18.85 10.83
N LYS A 180 0.63 -20.09 11.33
CA LYS A 180 0.32 -20.28 12.74
C LYS A 180 1.56 -20.14 13.62
N LEU A 181 2.74 -20.17 12.99
CA LEU A 181 3.99 -20.03 13.71
C LEU A 181 4.49 -18.59 13.67
N LEU A 182 3.97 -17.82 12.72
CA LEU A 182 4.37 -16.44 12.50
C LEU A 182 3.74 -15.33 13.34
N SER A 183 4.57 -14.38 13.78
CA SER A 183 4.12 -13.23 14.56
C SER A 183 3.33 -12.26 13.66
N ALA A 184 2.08 -12.00 14.03
CA ALA A 184 1.25 -11.10 13.24
C ALA A 184 1.86 -9.70 13.23
N LYS A 185 2.39 -9.28 14.37
CA LYS A 185 2.99 -7.96 14.47
C LYS A 185 4.08 -7.74 13.43
N ASP A 186 4.88 -8.76 13.20
CA ASP A 186 5.98 -8.67 12.26
C ASP A 186 5.65 -9.20 10.86
N THR A 187 4.42 -9.67 10.66
CA THR A 187 4.02 -10.22 9.37
C THR A 187 4.09 -9.18 8.24
N TYR A 188 3.39 -8.08 8.44
CA TYR A 188 3.38 -7.04 7.42
C TYR A 188 4.50 -6.04 7.62
N PHE A 189 5.26 -5.81 6.56
CA PHE A 189 6.34 -4.84 6.60
C PHE A 189 6.41 -4.18 5.25
N GLY A 190 6.61 -2.86 5.24
CA GLY A 190 6.66 -2.14 3.99
C GLY A 190 7.85 -2.47 3.11
N HIS A 191 7.61 -2.45 1.79
CA HIS A 191 8.65 -2.72 0.80
C HIS A 191 8.99 -1.37 0.16
N GLN A 192 10.25 -0.98 0.23
CA GLN A 192 10.66 0.29 -0.33
C GLN A 192 10.88 0.18 -1.83
N GLY A 193 9.80 -0.10 -2.56
CA GLY A 193 9.88 -0.21 -4.00
C GLY A 193 9.98 -1.63 -4.52
N ARG A 194 10.14 -1.75 -5.83
CA ARG A 194 10.23 -3.02 -6.51
C ARG A 194 11.45 -3.86 -6.16
N ASN A 195 11.38 -5.14 -6.50
CA ASN A 195 12.47 -6.07 -6.26
C ASN A 195 13.21 -6.29 -7.57
N ALA A 196 14.52 -6.49 -7.48
CA ALA A 196 15.33 -6.75 -8.66
C ALA A 196 15.95 -8.13 -8.44
N PHE A 197 15.67 -9.04 -9.37
CA PHE A 197 16.16 -10.41 -9.31
C PHE A 197 17.63 -10.42 -9.76
N ALA A 198 18.53 -10.80 -8.87
CA ALA A 198 19.96 -10.83 -9.18
C ALA A 198 20.28 -11.90 -10.22
N LEU A 199 21.08 -11.54 -11.21
CA LEU A 199 21.44 -12.51 -12.23
C LEU A 199 22.87 -12.85 -11.93
N ASN A 200 22.99 -13.56 -10.80
CA ASN A 200 24.24 -14.00 -10.28
C ASN A 200 24.56 -13.23 -9.01
N TYR A 201 23.96 -13.60 -7.89
CA TYR A 201 24.31 -12.93 -6.64
C TYR A 201 25.79 -13.22 -6.41
N ASP A 202 26.24 -14.36 -6.93
CA ASP A 202 27.63 -14.76 -6.77
C ASP A 202 28.57 -13.76 -7.43
N SER A 203 28.06 -12.95 -8.35
CA SER A 203 28.89 -11.96 -9.01
C SER A 203 28.99 -10.76 -8.07
N VAL A 204 28.04 -10.64 -7.15
CA VAL A 204 28.04 -9.58 -6.17
C VAL A 204 29.07 -9.97 -5.12
N VAL A 205 29.02 -11.24 -4.72
CA VAL A 205 29.94 -11.78 -3.71
C VAL A 205 31.40 -11.66 -4.15
N GLN A 206 31.66 -12.02 -5.41
CA GLN A 206 33.01 -11.98 -5.97
C GLN A 206 33.59 -10.58 -6.09
N ARG A 207 32.77 -9.60 -6.47
CA ARG A 207 33.26 -8.23 -6.57
C ARG A 207 33.73 -7.77 -5.19
N ILE A 208 32.89 -7.97 -4.19
CA ILE A 208 33.23 -7.54 -2.85
C ILE A 208 34.40 -8.34 -2.33
N ALA A 209 34.45 -9.62 -2.67
CA ALA A 209 35.54 -10.49 -2.24
C ALA A 209 36.87 -10.07 -2.86
N GLN A 210 36.84 -9.50 -4.05
CA GLN A 210 38.08 -9.09 -4.71
C GLN A 210 38.48 -7.66 -4.37
N SER A 211 37.71 -6.98 -3.54
CA SER A 211 38.02 -5.59 -3.20
C SER A 211 38.93 -5.43 -1.97
N PHE A 212 39.59 -6.50 -1.55
CA PHE A 212 40.50 -6.41 -0.42
C PHE A 212 41.66 -7.39 -0.60
N PRO A 213 42.73 -7.24 0.20
CA PRO A 213 43.87 -8.16 0.06
C PRO A 213 43.48 -9.62 0.05
N GLN A 214 43.77 -10.29 -1.06
CA GLN A 214 43.46 -11.69 -1.27
C GLN A 214 44.08 -12.68 -0.30
N ASN A 215 45.14 -12.26 0.38
CA ASN A 215 45.79 -13.15 1.34
C ASN A 215 45.07 -13.10 2.68
N TRP A 216 44.05 -12.26 2.77
CA TRP A 216 43.26 -12.12 4.01
C TRP A 216 42.28 -13.29 4.17
N LEU A 217 41.80 -13.78 3.03
CA LEU A 217 40.81 -14.84 3.00
C LEU A 217 41.30 -16.24 3.34
N LYS A 218 40.83 -16.77 4.46
CA LYS A 218 41.20 -18.12 4.85
C LYS A 218 39.97 -19.01 4.91
N LEU A 219 39.78 -19.79 3.87
CA LEU A 219 38.64 -20.71 3.81
C LEU A 219 38.99 -21.99 4.56
N SER A 220 37.97 -22.81 4.82
CA SER A 220 38.18 -24.06 5.55
C SER A 220 38.82 -23.93 6.95
N CYS A 221 38.68 -22.78 7.63
CA CYS A 221 39.19 -22.64 9.01
C CYS A 221 37.98 -22.28 9.86
N GLU A 222 37.49 -23.27 10.59
CA GLU A 222 36.34 -23.07 11.46
C GLU A 222 36.88 -22.55 12.78
N VAL A 223 36.28 -21.47 13.27
CA VAL A 223 36.68 -20.86 14.53
C VAL A 223 35.96 -21.58 15.66
N LYS A 224 36.74 -22.01 16.66
CA LYS A 224 36.23 -22.75 17.81
C LYS A 224 36.03 -21.94 19.09
N SER A 225 36.87 -20.92 19.29
CA SER A 225 36.76 -20.13 20.50
C SER A 225 37.31 -18.73 20.37
N ILE A 226 36.73 -17.83 21.15
CA ILE A 226 37.14 -16.43 21.15
C ILE A 226 37.31 -16.06 22.61
N THR A 227 38.50 -15.56 22.95
CA THR A 227 38.81 -15.21 24.32
C THR A 227 39.29 -13.77 24.48
N ARG A 228 38.66 -13.04 25.39
CA ARG A 228 39.07 -11.66 25.62
C ARG A 228 40.15 -11.63 26.70
N GLU A 229 41.38 -11.40 26.29
CA GLU A 229 42.48 -11.33 27.23
C GLU A 229 42.38 -9.96 27.90
N PRO A 230 42.13 -9.93 29.22
CA PRO A 230 42.02 -8.66 29.95
C PRO A 230 43.25 -7.74 29.83
N SER A 231 43.84 -7.75 28.64
CA SER A 231 45.01 -6.92 28.32
C SER A 231 44.66 -6.16 27.05
N LYS A 232 43.37 -6.13 26.72
CA LYS A 232 42.93 -5.42 25.53
C LYS A 232 43.34 -6.14 24.25
N ASN A 233 43.21 -7.46 24.25
CA ASN A 233 43.56 -8.26 23.09
C ASN A 233 42.54 -9.40 22.98
N VAL A 234 42.38 -9.93 21.77
CA VAL A 234 41.44 -11.02 21.56
C VAL A 234 42.14 -12.22 20.95
N THR A 235 42.08 -13.35 21.63
CA THR A 235 42.71 -14.57 21.13
C THR A 235 41.65 -15.35 20.36
N VAL A 236 42.00 -15.81 19.16
CA VAL A 236 41.09 -16.56 18.32
C VAL A 236 41.70 -17.92 17.95
N ASN A 237 40.96 -19.00 18.16
CA ASN A 237 41.46 -20.34 17.86
C ASN A 237 40.70 -21.02 16.71
N CYS A 238 41.43 -21.43 15.65
CA CYS A 238 40.85 -22.14 14.50
C CYS A 238 40.95 -23.61 14.89
N GLU A 239 40.07 -24.46 14.38
CA GLU A 239 40.13 -25.89 14.73
C GLU A 239 41.39 -26.55 14.17
N ASP A 240 41.90 -26.02 13.05
CA ASP A 240 43.12 -26.57 12.47
C ASP A 240 44.30 -26.37 13.42
N GLY A 241 44.01 -25.85 14.62
CA GLY A 241 45.04 -25.64 15.62
C GLY A 241 45.73 -24.29 15.66
N THR A 242 45.50 -23.43 14.66
CA THR A 242 46.15 -22.13 14.65
C THR A 242 45.51 -21.16 15.64
N VAL A 243 46.35 -20.29 16.20
CA VAL A 243 45.93 -19.31 17.18
C VAL A 243 46.32 -17.91 16.67
N TYR A 244 45.41 -16.96 16.84
CA TYR A 244 45.66 -15.59 16.43
C TYR A 244 45.30 -14.66 17.56
N ASN A 245 45.91 -13.49 17.55
CA ASN A 245 45.62 -12.48 18.55
C ASN A 245 45.25 -11.26 17.71
N ALA A 246 44.12 -10.66 18.01
CA ALA A 246 43.69 -9.49 17.26
C ALA A 246 43.18 -8.42 18.20
N ASP A 247 43.28 -7.18 17.78
CA ASP A 247 42.81 -6.08 18.60
C ASP A 247 41.29 -6.10 18.56
N TYR A 248 40.74 -6.41 17.39
CA TYR A 248 39.30 -6.49 17.21
C TYR A 248 38.88 -7.72 16.40
N VAL A 249 37.66 -8.19 16.64
CA VAL A 249 37.11 -9.29 15.87
C VAL A 249 35.66 -8.92 15.56
N ILE A 250 35.20 -9.25 14.37
CA ILE A 250 33.83 -9.00 13.97
C ILE A 250 33.26 -10.39 13.69
N ILE A 251 32.28 -10.79 14.49
CA ILE A 251 31.66 -12.12 14.39
C ILE A 251 30.38 -12.05 13.56
N THR A 252 30.41 -12.65 12.37
CA THR A 252 29.26 -12.62 11.49
C THR A 252 28.56 -13.97 11.30
N VAL A 253 28.79 -14.94 12.18
CA VAL A 253 28.13 -16.25 12.01
C VAL A 253 26.63 -16.08 12.17
N PRO A 254 25.84 -16.96 11.55
CA PRO A 254 24.38 -16.87 11.68
C PRO A 254 23.89 -16.84 13.11
N GLN A 255 22.77 -16.16 13.33
CA GLN A 255 22.18 -16.06 14.66
C GLN A 255 21.93 -17.45 15.23
N SER A 256 21.59 -18.41 14.37
CA SER A 256 21.33 -19.76 14.85
C SER A 256 22.63 -20.41 15.29
N VAL A 257 23.73 -20.07 14.64
CA VAL A 257 25.02 -20.64 15.00
C VAL A 257 25.56 -20.04 16.29
N LEU A 258 25.36 -18.73 16.46
CA LEU A 258 25.83 -18.05 17.68
C LEU A 258 25.02 -18.52 18.88
N ASN A 259 23.78 -18.89 18.63
CA ASN A 259 22.91 -19.37 19.70
C ASN A 259 23.54 -20.59 20.40
N LEU A 260 24.26 -21.41 19.64
CA LEU A 260 24.91 -22.61 20.17
C LEU A 260 25.88 -22.27 21.31
N SER A 261 26.39 -21.04 21.29
CA SER A 261 27.34 -20.59 22.30
C SER A 261 26.77 -20.53 23.72
N VAL A 262 25.46 -20.34 23.85
CA VAL A 262 24.86 -20.26 25.18
C VAL A 262 24.49 -21.61 25.77
N GLN A 263 24.97 -22.69 25.16
CA GLN A 263 24.67 -24.02 25.66
C GLN A 263 25.94 -24.84 25.86
N PRO A 264 25.84 -25.91 26.66
CA PRO A 264 26.97 -26.79 26.95
C PRO A 264 27.12 -27.78 25.78
N GLU A 265 28.36 -28.16 25.51
CA GLU A 265 28.73 -29.07 24.41
C GLU A 265 29.45 -28.21 23.39
N LYS A 266 30.77 -28.33 23.33
CA LYS A 266 31.56 -27.53 22.41
C LYS A 266 31.80 -28.18 21.04
N ASN A 267 31.74 -29.50 20.99
CA ASN A 267 31.98 -30.22 19.74
C ASN A 267 30.83 -30.14 18.72
N LEU A 268 30.17 -28.99 18.63
CA LEU A 268 29.09 -28.81 17.65
C LEU A 268 29.68 -27.95 16.53
N ARG A 269 29.59 -28.43 15.29
CA ARG A 269 30.14 -27.68 14.16
C ARG A 269 29.64 -26.24 14.14
N GLY A 270 30.58 -25.29 14.12
CA GLY A 270 30.24 -23.88 14.09
C GLY A 270 30.18 -23.16 15.42
N ARG A 271 29.93 -23.90 16.49
CA ARG A 271 29.85 -23.29 17.80
C ARG A 271 31.15 -22.62 18.25
N ILE A 272 31.02 -21.41 18.78
CA ILE A 272 32.17 -20.66 19.28
C ILE A 272 32.10 -20.57 20.81
N GLU A 273 33.16 -21.00 21.47
CA GLU A 273 33.24 -20.95 22.93
C GLU A 273 33.74 -19.53 23.27
N PHE A 274 32.95 -18.81 24.06
CA PHE A 274 33.28 -17.44 24.46
C PHE A 274 33.77 -17.32 25.90
N GLN A 275 34.95 -16.71 26.06
CA GLN A 275 35.50 -16.48 27.39
C GLN A 275 36.00 -15.03 27.47
N PRO A 276 35.35 -14.21 28.31
CA PRO A 276 34.21 -14.62 29.14
C PRO A 276 33.00 -14.93 28.27
N PRO A 277 32.00 -15.62 28.83
CA PRO A 277 30.79 -15.97 28.07
C PRO A 277 29.95 -14.77 27.65
N LEU A 278 29.20 -14.92 26.57
CA LEU A 278 28.37 -13.84 26.05
C LEU A 278 27.52 -13.22 27.16
N LYS A 279 27.54 -11.89 27.27
CA LYS A 279 26.79 -11.18 28.28
C LYS A 279 25.33 -11.63 28.34
N PRO A 280 24.72 -11.55 29.53
CA PRO A 280 23.32 -11.95 29.72
C PRO A 280 22.31 -11.29 28.79
N VAL A 281 22.55 -10.03 28.41
CA VAL A 281 21.63 -9.34 27.52
C VAL A 281 21.62 -10.02 26.15
N ILE A 282 22.76 -10.60 25.76
CA ILE A 282 22.83 -11.29 24.48
C ILE A 282 22.17 -12.66 24.60
N GLN A 283 22.56 -13.44 25.60
CA GLN A 283 21.98 -14.76 25.79
C GLN A 283 20.48 -14.72 25.84
N ASP A 284 19.95 -13.80 26.64
CA ASP A 284 18.51 -13.68 26.81
C ASP A 284 17.76 -13.20 25.58
N ALA A 285 18.46 -12.50 24.69
CA ALA A 285 17.82 -12.02 23.47
C ALA A 285 17.44 -13.18 22.56
N PHE A 286 18.13 -14.31 22.71
CA PHE A 286 17.84 -15.48 21.88
C PHE A 286 16.44 -16.03 22.18
N ASP A 287 15.87 -15.62 23.31
CA ASP A 287 14.54 -16.07 23.68
C ASP A 287 13.47 -15.20 23.02
N LYS A 288 13.85 -14.00 22.58
CA LYS A 288 12.90 -13.06 21.96
C LYS A 288 12.97 -12.91 20.44
N ILE A 289 13.63 -13.84 19.79
CA ILE A 289 13.75 -13.81 18.33
C ILE A 289 14.06 -15.23 17.92
N HIS A 290 13.65 -15.63 16.73
CA HIS A 290 13.93 -16.98 16.29
C HIS A 290 14.50 -17.08 14.90
N PHE A 291 14.33 -18.24 14.27
CA PHE A 291 14.88 -18.48 12.94
C PHE A 291 13.90 -19.18 12.02
N GLY A 292 13.62 -18.56 10.88
CA GLY A 292 12.70 -19.16 9.94
C GLY A 292 13.44 -20.08 8.98
N ALA A 293 12.70 -20.76 8.13
CA ALA A 293 13.35 -21.68 7.21
C ALA A 293 12.84 -21.58 5.78
N LEU A 294 13.11 -20.46 5.13
CA LEU A 294 12.70 -20.33 3.74
C LEU A 294 13.57 -21.33 2.99
N GLY A 295 12.96 -22.09 2.08
CA GLY A 295 13.69 -23.09 1.32
C GLY A 295 13.41 -22.98 -0.17
N LYS A 296 14.20 -23.69 -0.97
CA LYS A 296 14.02 -23.65 -2.42
C LYS A 296 14.07 -25.02 -3.10
N VAL A 297 13.38 -25.08 -4.24
CA VAL A 297 13.37 -26.27 -5.07
C VAL A 297 13.35 -25.73 -6.49
N ILE A 298 14.35 -26.10 -7.28
CA ILE A 298 14.45 -25.65 -8.66
C ILE A 298 14.01 -26.79 -9.56
N PHE A 299 13.01 -26.52 -10.41
CA PHE A 299 12.54 -27.54 -11.33
C PHE A 299 13.00 -27.14 -12.72
N GLU A 300 13.93 -27.92 -13.27
CA GLU A 300 14.48 -27.61 -14.59
C GLU A 300 13.85 -28.46 -15.67
N PHE A 301 13.25 -27.80 -16.65
CA PHE A 301 12.60 -28.49 -17.76
C PHE A 301 13.43 -28.38 -19.01
N GLU A 302 13.16 -29.24 -19.99
CA GLU A 302 13.91 -29.23 -21.23
C GLU A 302 13.77 -27.89 -21.93
N GLU A 303 12.53 -27.50 -22.22
CA GLU A 303 12.28 -26.23 -22.88
C GLU A 303 10.95 -25.65 -22.42
N CYS A 304 10.68 -24.41 -22.77
CA CYS A 304 9.43 -23.78 -22.38
C CYS A 304 8.29 -24.07 -23.35
N CYS A 305 7.27 -24.76 -22.87
CA CYS A 305 6.11 -25.09 -23.68
C CYS A 305 4.88 -24.67 -22.89
N TRP A 306 4.99 -23.53 -22.20
CA TRP A 306 3.89 -23.00 -21.40
C TRP A 306 3.76 -21.49 -21.54
N SER A 307 2.63 -20.95 -21.08
CA SER A 307 2.39 -19.52 -21.18
C SER A 307 3.34 -18.69 -20.31
N ASN A 308 3.88 -17.62 -20.89
CA ASN A 308 4.78 -16.74 -20.15
C ASN A 308 4.06 -15.44 -19.79
N GLU A 309 2.77 -15.59 -19.50
CA GLU A 309 1.94 -14.45 -19.11
C GLU A 309 2.54 -13.73 -17.91
N SER A 310 3.09 -14.50 -16.98
CA SER A 310 3.68 -13.94 -15.77
C SER A 310 4.84 -14.77 -15.23
N SER A 311 5.70 -14.14 -14.44
CA SER A 311 6.82 -14.85 -13.85
C SER A 311 6.54 -15.18 -12.39
N LYS A 312 5.38 -14.77 -11.90
CA LYS A 312 5.01 -15.01 -10.51
C LYS A 312 3.76 -15.88 -10.39
N ILE A 313 3.92 -17.07 -9.83
CA ILE A 313 2.80 -17.99 -9.67
C ILE A 313 2.74 -18.56 -8.25
N VAL A 314 1.57 -18.49 -7.64
CA VAL A 314 1.39 -19.01 -6.30
C VAL A 314 0.26 -20.03 -6.28
N THR A 315 0.54 -21.19 -5.69
CA THR A 315 -0.47 -22.22 -5.58
C THR A 315 -1.03 -22.14 -4.18
N LEU A 316 -2.34 -21.96 -4.10
CA LEU A 316 -3.04 -21.86 -2.82
C LEU A 316 -3.29 -23.22 -2.20
N ALA A 317 -3.13 -23.32 -0.90
CA ALA A 317 -3.40 -24.58 -0.20
C ALA A 317 -4.91 -24.82 -0.29
N ASN A 318 -5.32 -26.09 -0.22
CA ASN A 318 -6.74 -26.43 -0.29
C ASN A 318 -7.56 -25.70 0.79
N SER A 319 -8.78 -25.29 0.43
CA SER A 319 -9.69 -24.61 1.35
C SER A 319 -11.05 -25.33 1.26
N THR A 320 -11.93 -25.11 2.23
CA THR A 320 -13.24 -25.78 2.19
C THR A 320 -14.40 -24.84 2.45
N ASN A 321 -15.57 -25.20 1.94
CA ASN A 321 -16.78 -24.42 2.12
C ASN A 321 -17.22 -24.52 3.58
N GLU A 322 -16.76 -25.56 4.26
CA GLU A 322 -17.10 -25.77 5.67
C GLU A 322 -16.51 -24.63 6.50
N PHE A 323 -15.33 -24.18 6.11
CA PHE A 323 -14.67 -23.08 6.80
C PHE A 323 -15.60 -21.87 6.75
N VAL A 324 -16.07 -21.55 5.55
CA VAL A 324 -16.97 -20.44 5.35
C VAL A 324 -18.18 -20.52 6.28
N GLU A 325 -18.85 -21.66 6.27
CA GLU A 325 -20.02 -21.87 7.12
C GLU A 325 -19.66 -21.61 8.57
N ILE A 326 -18.44 -21.97 8.96
CA ILE A 326 -17.96 -21.77 10.33
C ILE A 326 -17.76 -20.30 10.66
N VAL A 327 -17.25 -19.55 9.70
CA VAL A 327 -17.03 -18.11 9.90
C VAL A 327 -18.40 -17.45 9.97
N ARG A 328 -19.32 -17.93 9.14
CA ARG A 328 -20.69 -17.40 9.11
C ARG A 328 -21.43 -17.61 10.43
N ASN A 329 -21.36 -18.83 10.95
CA ASN A 329 -22.08 -19.17 12.18
C ASN A 329 -21.39 -18.81 13.48
N ALA A 330 -20.12 -18.42 13.41
CA ALA A 330 -19.40 -18.07 14.63
C ALA A 330 -20.06 -16.90 15.34
N GLU A 331 -20.20 -17.02 16.66
CA GLU A 331 -20.82 -15.96 17.45
C GLU A 331 -19.79 -14.92 17.89
N ASN A 332 -18.53 -15.34 17.97
CA ASN A 332 -17.45 -14.44 18.36
C ASN A 332 -16.09 -15.11 18.18
N LEU A 333 -15.03 -14.37 18.44
CA LEU A 333 -13.66 -14.87 18.29
C LEU A 333 -13.43 -16.17 19.04
N ASP A 334 -13.90 -16.23 20.28
CA ASP A 334 -13.75 -17.41 21.11
C ASP A 334 -14.43 -18.64 20.53
N GLU A 335 -15.63 -18.46 19.97
CA GLU A 335 -16.34 -19.58 19.38
C GLU A 335 -15.65 -20.03 18.10
N LEU A 336 -15.24 -19.08 17.28
CA LEU A 336 -14.57 -19.39 16.02
C LEU A 336 -13.33 -20.23 16.29
N ASP A 337 -12.51 -19.79 17.23
CA ASP A 337 -11.30 -20.52 17.59
C ASP A 337 -11.66 -21.95 17.99
N SER A 338 -12.81 -22.10 18.65
CA SER A 338 -13.26 -23.42 19.07
C SER A 338 -13.68 -24.30 17.91
N MET A 339 -14.78 -23.92 17.25
CA MET A 339 -15.32 -24.68 16.11
C MET A 339 -14.22 -25.14 15.17
N LEU A 340 -13.21 -24.30 14.98
CA LEU A 340 -12.09 -24.61 14.11
C LEU A 340 -11.26 -25.71 14.77
N GLU A 341 -11.65 -26.95 14.51
CA GLU A 341 -10.96 -28.11 15.06
C GLU A 341 -11.69 -29.38 14.62
N ARG A 342 -10.93 -30.44 14.38
CA ARG A 342 -11.51 -31.72 13.96
C ARG A 342 -10.45 -32.83 13.90
N GLU A 343 -10.81 -33.92 13.25
CA GLU A 343 -9.91 -35.06 13.09
C GLU A 343 -9.95 -35.55 11.66
N THR A 349 -4.80 -36.43 6.94
CA THR A 349 -3.99 -35.64 7.85
C THR A 349 -2.53 -35.61 7.40
N SER A 350 -2.27 -36.15 6.21
CA SER A 350 -0.91 -36.16 5.68
C SER A 350 -0.58 -34.88 4.95
N VAL A 351 0.70 -34.52 4.96
CA VAL A 351 1.16 -33.30 4.29
C VAL A 351 1.43 -33.53 2.81
N THR A 352 0.76 -32.78 1.97
CA THR A 352 0.94 -32.89 0.53
C THR A 352 1.32 -31.49 0.02
N CYS A 353 1.50 -31.37 -1.29
CA CYS A 353 1.85 -30.08 -1.88
C CYS A 353 0.71 -29.06 -1.82
N TRP A 354 -0.48 -29.52 -1.45
CA TRP A 354 -1.65 -28.65 -1.35
C TRP A 354 -1.95 -28.23 0.08
N SER A 355 -1.10 -28.66 1.01
CA SER A 355 -1.28 -28.34 2.43
C SER A 355 -0.72 -26.96 2.81
N GLN A 356 -0.02 -26.33 1.87
CA GLN A 356 0.54 -25.01 2.14
C GLN A 356 0.82 -24.25 0.85
N PRO A 357 0.72 -22.93 0.89
CA PRO A 357 0.98 -22.18 -0.34
C PRO A 357 2.42 -22.41 -0.80
N LEU A 358 2.61 -22.37 -2.12
CA LEU A 358 3.94 -22.53 -2.68
C LEU A 358 4.12 -21.40 -3.67
N PHE A 359 5.31 -20.79 -3.68
CA PHE A 359 5.58 -19.69 -4.59
C PHE A 359 6.53 -20.12 -5.70
N PHE A 360 6.07 -19.98 -6.94
CA PHE A 360 6.86 -20.37 -8.09
C PHE A 360 7.24 -19.19 -8.96
N VAL A 361 8.54 -19.08 -9.23
CA VAL A 361 9.02 -18.04 -10.10
C VAL A 361 9.19 -18.69 -11.47
N ASN A 362 8.44 -18.21 -12.46
CA ASN A 362 8.53 -18.74 -13.82
C ASN A 362 9.67 -17.98 -14.50
N LEU A 363 10.88 -18.51 -14.36
CA LEU A 363 12.10 -17.90 -14.91
C LEU A 363 12.10 -17.75 -16.43
N SER A 364 11.23 -18.49 -17.10
CA SER A 364 11.16 -18.44 -18.56
C SER A 364 10.79 -17.06 -19.07
N LYS A 365 9.99 -16.33 -18.31
CA LYS A 365 9.59 -14.98 -18.74
C LYS A 365 10.61 -13.93 -18.33
N SER A 366 11.14 -14.08 -17.12
CA SER A 366 12.09 -13.10 -16.59
C SER A 366 13.53 -13.29 -17.03
N THR A 367 13.96 -14.53 -17.23
CA THR A 367 15.33 -14.80 -17.61
C THR A 367 15.44 -15.58 -18.91
N GLY A 368 14.34 -16.21 -19.32
CA GLY A 368 14.36 -16.98 -20.55
C GLY A 368 14.86 -18.39 -20.33
N VAL A 369 14.98 -18.79 -19.07
CA VAL A 369 15.46 -20.12 -18.75
C VAL A 369 14.24 -20.99 -18.45
N ALA A 370 14.17 -22.17 -19.05
CA ALA A 370 13.02 -23.06 -18.86
C ALA A 370 13.00 -23.77 -17.50
N SER A 371 12.92 -22.99 -16.44
CA SER A 371 12.90 -23.57 -15.10
C SER A 371 12.03 -22.76 -14.15
N PHE A 372 11.56 -23.45 -13.11
CA PHE A 372 10.75 -22.84 -12.08
C PHE A 372 11.59 -22.80 -10.80
N MET A 373 11.58 -21.66 -10.11
CA MET A 373 12.27 -21.54 -8.84
C MET A 373 11.16 -21.41 -7.83
N MET A 374 11.02 -22.43 -6.98
CA MET A 374 9.96 -22.47 -6.01
C MET A 374 10.44 -22.21 -4.59
N LEU A 375 9.67 -21.41 -3.85
CA LEU A 375 9.99 -21.09 -2.48
C LEU A 375 9.03 -21.89 -1.58
N MET A 376 9.56 -22.40 -0.47
CA MET A 376 8.75 -23.15 0.48
C MET A 376 9.04 -22.64 1.87
N GLN A 377 8.18 -22.94 2.83
CA GLN A 377 8.37 -22.45 4.19
C GLN A 377 8.35 -23.58 5.21
N ALA A 378 8.68 -23.25 6.47
CA ALA A 378 8.66 -24.24 7.54
C ALA A 378 7.19 -24.41 7.92
N PRO A 379 6.80 -25.61 8.38
CA PRO A 379 7.62 -26.82 8.58
C PRO A 379 7.92 -27.61 7.31
N LEU A 380 7.29 -27.26 6.19
CA LEU A 380 7.54 -28.00 4.96
C LEU A 380 9.01 -28.02 4.53
N THR A 381 9.69 -26.88 4.66
CA THR A 381 11.08 -26.80 4.26
C THR A 381 11.95 -27.84 4.92
N ASN A 382 11.83 -27.97 6.23
CA ASN A 382 12.62 -28.93 6.98
C ASN A 382 12.37 -30.35 6.50
N HIS A 383 11.12 -30.66 6.17
CA HIS A 383 10.79 -31.99 5.70
C HIS A 383 11.36 -32.21 4.29
N ILE A 384 11.16 -31.25 3.40
CA ILE A 384 11.68 -31.40 2.04
C ILE A 384 13.20 -31.49 1.97
N GLU A 385 13.91 -30.75 2.82
CA GLU A 385 15.37 -30.84 2.79
C GLU A 385 15.81 -32.16 3.41
N SER A 386 14.98 -32.71 4.31
CA SER A 386 15.30 -33.99 4.92
C SER A 386 15.10 -35.14 3.93
N ILE A 387 14.74 -34.83 2.69
CA ILE A 387 14.57 -35.86 1.67
C ILE A 387 15.09 -35.34 0.33
N ARG A 388 15.91 -34.31 0.38
CA ARG A 388 16.48 -33.69 -0.81
C ARG A 388 17.16 -34.68 -1.75
N GLU A 389 17.68 -35.75 -1.18
CA GLU A 389 18.39 -36.76 -1.98
C GLU A 389 17.48 -37.70 -2.77
N ASP A 390 16.24 -37.82 -2.35
CA ASP A 390 15.27 -38.70 -3.01
C ASP A 390 14.52 -37.94 -4.11
N LYS A 391 15.13 -37.83 -5.29
CA LYS A 391 14.51 -37.10 -6.40
C LYS A 391 13.18 -37.66 -6.90
N GLU A 392 13.04 -38.99 -6.91
CA GLU A 392 11.79 -39.60 -7.36
C GLU A 392 10.68 -39.25 -6.38
N ARG A 393 11.02 -39.26 -5.09
CA ARG A 393 10.04 -38.91 -4.08
C ARG A 393 9.65 -37.43 -4.17
N LEU A 394 10.62 -36.57 -4.47
CA LEU A 394 10.36 -35.14 -4.60
C LEU A 394 9.41 -34.88 -5.76
N PHE A 395 9.68 -35.51 -6.91
CA PHE A 395 8.84 -35.35 -8.09
C PHE A 395 7.41 -35.79 -7.81
N SER A 396 7.25 -36.91 -7.10
CA SER A 396 5.92 -37.40 -6.80
C SER A 396 5.18 -36.44 -5.89
N PHE A 397 5.90 -35.90 -4.91
CA PHE A 397 5.30 -34.97 -3.96
C PHE A 397 4.77 -33.68 -4.62
N PHE A 398 5.51 -33.14 -5.58
CA PHE A 398 5.13 -31.89 -6.25
C PHE A 398 4.42 -32.03 -7.59
N GLN A 399 4.40 -33.25 -8.13
CA GLN A 399 3.77 -33.50 -9.42
C GLN A 399 2.38 -32.90 -9.55
N PRO A 400 1.53 -33.02 -8.53
CA PRO A 400 0.20 -32.42 -8.69
C PRO A 400 0.19 -30.89 -8.82
N VAL A 401 0.96 -30.16 -8.00
CA VAL A 401 0.96 -28.71 -8.15
C VAL A 401 1.62 -28.34 -9.48
N LEU A 402 2.62 -29.11 -9.89
CA LEU A 402 3.29 -28.85 -11.16
C LEU A 402 2.32 -29.05 -12.33
N ASN A 403 1.56 -30.14 -12.28
CA ASN A 403 0.59 -30.43 -13.34
C ASN A 403 -0.48 -29.34 -13.45
N LYS A 404 -1.00 -28.92 -12.29
CA LYS A 404 -2.04 -27.89 -12.26
C LYS A 404 -1.51 -26.59 -12.85
N ILE A 405 -0.26 -26.26 -12.52
CA ILE A 405 0.34 -25.03 -13.04
C ILE A 405 0.42 -25.12 -14.56
N MET A 406 0.90 -26.24 -15.07
CA MET A 406 1.02 -26.43 -16.52
C MET A 406 -0.33 -26.33 -17.18
N LYS A 407 -1.34 -26.91 -16.56
CA LYS A 407 -2.70 -26.87 -17.09
C LYS A 407 -3.14 -25.42 -17.19
N CYS A 408 -2.97 -24.67 -16.11
CA CYS A 408 -3.37 -23.26 -16.09
C CYS A 408 -2.54 -22.36 -17.01
N LEU A 409 -1.41 -22.86 -17.47
CA LEU A 409 -0.56 -22.07 -18.37
C LEU A 409 -0.64 -22.63 -19.80
N ASP A 410 -1.77 -23.26 -20.11
CA ASP A 410 -2.03 -23.83 -21.43
C ASP A 410 -1.04 -24.89 -21.90
N SER A 411 -0.69 -25.81 -21.01
CA SER A 411 0.24 -26.89 -21.31
C SER A 411 -0.33 -28.21 -20.78
N GLU A 412 0.47 -29.27 -20.79
CA GLU A 412 -0.01 -30.57 -20.31
C GLU A 412 0.79 -31.06 -19.11
N ASP A 413 0.38 -32.20 -18.55
CA ASP A 413 1.07 -32.76 -17.40
C ASP A 413 2.55 -32.92 -17.70
N VAL A 414 3.36 -32.87 -16.65
CA VAL A 414 4.81 -32.98 -16.78
C VAL A 414 5.28 -34.41 -16.99
N ILE A 415 6.30 -34.58 -17.81
CA ILE A 415 6.88 -35.89 -18.08
C ILE A 415 8.22 -36.01 -17.34
N ASP A 416 8.35 -37.04 -16.52
CA ASP A 416 9.57 -37.27 -15.76
C ASP A 416 10.72 -37.65 -16.69
N GLY A 417 11.58 -36.68 -16.99
CA GLY A 417 12.71 -36.95 -17.85
C GLY A 417 14.02 -36.80 -17.10
N MET A 418 13.99 -37.06 -15.80
CA MET A 418 15.21 -36.93 -15.00
C MET A 418 16.21 -38.05 -15.23
N ARG A 419 15.74 -39.16 -15.79
CA ARG A 419 16.62 -40.30 -16.06
C ARG A 419 16.56 -40.71 -17.53
N ALA A 427 7.38 -33.15 -27.58
CA ALA A 427 7.41 -32.01 -28.47
C ALA A 427 6.54 -30.89 -27.96
N ASN A 428 5.45 -31.25 -27.30
CA ASN A 428 4.55 -30.25 -26.75
C ASN A 428 4.38 -30.43 -25.26
N LYS A 429 4.96 -31.50 -24.72
CA LYS A 429 4.85 -31.79 -23.30
C LYS A 429 6.07 -31.29 -22.53
N PRO A 430 5.84 -30.81 -21.30
CA PRO A 430 6.97 -30.31 -20.49
C PRO A 430 7.73 -31.49 -19.90
N VAL A 431 9.04 -31.52 -20.11
CA VAL A 431 9.85 -32.60 -19.59
C VAL A 431 10.77 -32.12 -18.47
N LEU A 432 10.54 -32.62 -17.27
CA LEU A 432 11.35 -32.26 -16.12
C LEU A 432 12.68 -32.97 -16.30
N ARG A 433 13.76 -32.20 -16.29
CA ARG A 433 15.10 -32.75 -16.48
C ARG A 433 15.90 -32.88 -15.19
N ASN A 434 15.66 -31.99 -14.24
CA ASN A 434 16.42 -32.01 -13.00
C ASN A 434 15.68 -31.28 -11.90
N ILE A 435 15.91 -31.70 -10.66
CA ILE A 435 15.32 -31.06 -9.50
C ILE A 435 16.49 -30.71 -8.56
N ILE A 436 16.53 -29.46 -8.10
CA ILE A 436 17.58 -29.01 -7.19
C ILE A 436 16.93 -28.55 -5.90
N VAL A 437 17.55 -28.89 -4.77
CA VAL A 437 17.00 -28.50 -3.47
C VAL A 437 18.02 -27.76 -2.61
N SER A 438 17.51 -26.86 -1.77
CA SER A 438 18.35 -26.10 -0.84
C SER A 438 18.76 -27.02 0.32
N ASN A 439 19.72 -26.58 1.13
CA ASN A 439 20.22 -27.40 2.24
C ASN A 439 20.41 -26.61 3.54
N TRP A 440 19.91 -25.38 3.59
CA TRP A 440 20.11 -24.49 4.74
C TRP A 440 19.74 -24.98 6.12
N THR A 441 18.68 -25.77 6.24
CA THR A 441 18.30 -26.27 7.57
C THR A 441 19.27 -27.38 8.01
N ARG A 442 20.01 -27.96 7.08
CA ARG A 442 20.94 -29.04 7.44
C ARG A 442 22.43 -28.61 7.50
N ASP A 443 22.80 -27.62 6.71
CA ASP A 443 24.19 -27.14 6.74
C ASP A 443 24.46 -26.61 8.15
N PRO A 444 25.39 -27.22 8.88
CA PRO A 444 25.65 -26.75 10.24
C PRO A 444 26.16 -25.31 10.32
N TYR A 445 26.54 -24.72 9.20
CA TYR A 445 27.04 -23.34 9.24
C TYR A 445 25.96 -22.32 8.90
N SER A 446 24.72 -22.81 8.77
CA SER A 446 23.57 -21.93 8.50
C SER A 446 22.41 -22.30 9.43
N ARG A 447 22.13 -23.59 9.56
CA ARG A 447 21.06 -24.05 10.45
C ARG A 447 19.78 -23.22 10.32
N GLY A 448 19.30 -23.08 9.09
CA GLY A 448 18.10 -22.31 8.84
C GLY A 448 18.31 -21.26 7.76
N ALA A 449 17.25 -20.51 7.45
CA ALA A 449 17.32 -19.47 6.43
C ALA A 449 17.75 -18.10 6.98
N TYR A 450 16.92 -17.51 7.84
CA TYR A 450 17.22 -16.21 8.44
C TYR A 450 16.33 -15.87 9.62
N SER A 451 16.72 -14.84 10.37
CA SER A 451 15.98 -14.43 11.57
C SER A 451 14.50 -14.17 11.29
N ALA A 452 13.64 -14.66 12.16
CA ALA A 452 12.20 -14.50 11.99
C ALA A 452 11.50 -14.41 13.34
N CYS A 453 10.30 -13.84 13.34
CA CYS A 453 9.53 -13.67 14.57
C CYS A 453 8.38 -14.64 14.83
N PHE A 454 8.38 -15.22 16.02
CA PHE A 454 7.32 -16.12 16.47
C PHE A 454 6.44 -15.16 17.25
N PRO A 455 5.14 -15.48 17.39
CA PRO A 455 4.28 -14.56 18.16
C PRO A 455 4.87 -14.24 19.52
N GLY A 456 4.92 -12.94 19.85
CA GLY A 456 5.47 -12.56 21.14
C GLY A 456 6.96 -12.20 21.06
N ASP A 457 7.57 -12.37 19.89
CA ASP A 457 8.99 -12.03 19.75
C ASP A 457 9.21 -10.52 19.72
N ASP A 458 10.44 -10.12 19.99
CA ASP A 458 10.81 -8.71 19.99
C ASP A 458 12.16 -8.65 19.31
N PRO A 459 12.19 -8.53 17.98
CA PRO A 459 13.45 -8.48 17.22
C PRO A 459 14.41 -7.38 17.67
N VAL A 460 13.88 -6.23 18.09
CA VAL A 460 14.73 -5.14 18.53
C VAL A 460 15.75 -5.56 19.59
N ASP A 461 15.35 -6.47 20.48
CA ASP A 461 16.27 -6.93 21.52
C ASP A 461 17.59 -7.45 20.97
N MET A 462 17.53 -8.38 20.01
CA MET A 462 18.75 -8.93 19.43
C MET A 462 19.57 -7.88 18.71
N VAL A 463 18.90 -7.06 17.90
CA VAL A 463 19.59 -6.01 17.17
C VAL A 463 20.38 -5.12 18.14
N VAL A 464 19.74 -4.74 19.25
CA VAL A 464 20.38 -3.89 20.24
C VAL A 464 21.57 -4.57 20.90
N ALA A 465 21.38 -5.81 21.35
CA ALA A 465 22.46 -6.55 21.99
C ALA A 465 23.63 -6.79 21.03
N MET A 466 23.30 -7.05 19.76
CA MET A 466 24.32 -7.31 18.73
C MET A 466 25.11 -6.07 18.31
N SER A 467 24.41 -4.99 17.99
CA SER A 467 25.08 -3.78 17.56
C SER A 467 25.86 -3.12 18.68
N ASN A 468 25.49 -3.39 19.94
CA ASN A 468 26.22 -2.83 21.07
C ASN A 468 27.49 -3.63 21.31
N GLY A 469 27.47 -4.91 20.91
CA GLY A 469 28.63 -5.78 21.05
C GLY A 469 28.83 -6.50 22.37
N GLN A 470 29.70 -7.52 22.36
CA GLN A 470 30.00 -8.27 23.58
C GLN A 470 30.82 -7.35 24.48
N ASP A 471 31.61 -6.50 23.85
CA ASP A 471 32.43 -5.50 24.55
C ASP A 471 33.08 -4.64 23.48
N SER A 472 34.03 -3.80 23.86
CA SER A 472 34.66 -2.91 22.88
C SER A 472 35.38 -3.61 21.74
N ARG A 473 35.97 -4.77 22.00
CA ARG A 473 36.73 -5.50 20.98
C ARG A 473 36.01 -6.63 20.26
N ILE A 474 35.00 -7.19 20.89
CA ILE A 474 34.27 -8.31 20.31
C ILE A 474 32.95 -7.80 19.73
N ARG A 475 32.90 -7.68 18.41
CA ARG A 475 31.73 -7.14 17.71
C ARG A 475 30.93 -8.16 16.88
N PHE A 476 29.75 -7.73 16.43
CA PHE A 476 28.88 -8.59 15.63
C PHE A 476 28.30 -7.91 14.40
N ALA A 477 28.23 -8.66 13.29
CA ALA A 477 27.62 -8.17 12.06
C ALA A 477 26.78 -9.34 11.53
N GLY A 478 25.92 -9.07 10.55
CA GLY A 478 25.07 -10.11 10.01
C GLY A 478 23.64 -9.65 9.92
N GLU A 479 22.83 -10.34 9.11
CA GLU A 479 21.43 -9.98 8.92
C GLU A 479 20.61 -9.85 10.20
N HIS A 480 21.06 -10.51 11.26
CA HIS A 480 20.35 -10.49 12.54
C HIS A 480 20.78 -9.37 13.48
N THR A 481 21.68 -8.51 13.03
CA THR A 481 22.20 -7.45 13.89
C THR A 481 21.87 -6.03 13.47
N ILE A 482 20.83 -5.83 12.68
CA ILE A 482 20.52 -4.50 12.23
C ILE A 482 19.03 -4.34 11.94
N MET A 483 18.53 -3.12 12.07
CA MET A 483 17.12 -2.82 11.85
C MET A 483 16.76 -2.67 10.37
N ASP A 484 17.34 -1.68 9.70
CA ASP A 484 17.04 -1.48 8.29
C ASP A 484 17.63 -2.62 7.48
N GLY A 485 16.77 -3.34 6.78
CA GLY A 485 17.23 -4.45 5.95
C GLY A 485 17.42 -5.70 6.78
N ALA A 486 16.70 -5.78 7.90
CA ALA A 486 16.79 -6.92 8.78
C ALA A 486 16.44 -8.18 8.00
N GLY A 487 17.27 -9.21 8.15
CA GLY A 487 17.04 -10.46 7.46
C GLY A 487 17.43 -10.45 5.99
N CYS A 488 17.74 -9.26 5.46
CA CYS A 488 18.12 -9.14 4.06
C CYS A 488 19.62 -9.01 3.80
N ALA A 489 20.00 -9.37 2.58
CA ALA A 489 21.38 -9.32 2.14
C ALA A 489 22.00 -7.94 2.30
N TYR A 490 21.23 -6.88 2.02
CA TYR A 490 21.78 -5.55 2.15
C TYR A 490 21.85 -5.12 3.61
N GLY A 491 21.04 -5.76 4.45
CA GLY A 491 21.07 -5.45 5.87
C GLY A 491 22.34 -6.04 6.43
N ALA A 492 22.69 -7.25 5.95
CA ALA A 492 23.91 -7.92 6.38
C ALA A 492 25.12 -7.13 5.88
N TRP A 493 25.02 -6.66 4.65
CA TRP A 493 26.06 -5.85 3.99
C TRP A 493 26.31 -4.58 4.81
N GLU A 494 25.25 -3.82 5.09
CA GLU A 494 25.38 -2.58 5.86
C GLU A 494 25.94 -2.82 7.26
N SER A 495 25.53 -3.91 7.90
CA SER A 495 26.01 -4.23 9.24
C SER A 495 27.53 -4.45 9.25
N GLY A 496 28.06 -4.98 8.15
CA GLY A 496 29.48 -5.21 8.06
C GLY A 496 30.22 -3.89 7.89
N ARG A 497 29.63 -3.01 7.09
CA ARG A 497 30.20 -1.69 6.86
C ARG A 497 30.18 -0.95 8.19
N ARG A 498 29.11 -1.15 8.96
CA ARG A 498 28.95 -0.51 10.26
C ARG A 498 30.10 -0.82 11.22
N GLU A 499 30.34 -2.10 11.47
CA GLU A 499 31.39 -2.50 12.39
C GLU A 499 32.78 -2.11 11.93
N ALA A 500 33.03 -2.20 10.63
CA ALA A 500 34.33 -1.88 10.09
C ALA A 500 34.59 -0.37 10.22
N THR A 501 33.56 0.43 9.98
CA THR A 501 33.68 1.87 10.08
C THR A 501 34.02 2.21 11.52
N ARG A 502 33.24 1.66 12.45
CA ARG A 502 33.48 1.91 13.86
C ARG A 502 34.94 1.58 14.22
N ILE A 503 35.45 0.47 13.70
CA ILE A 503 36.83 0.06 13.97
C ILE A 503 37.85 0.97 13.31
N SER A 504 37.55 1.47 12.12
CA SER A 504 38.44 2.40 11.42
C SER A 504 38.51 3.69 12.23
N ASP A 505 37.35 4.14 12.69
CA ASP A 505 37.26 5.36 13.49
C ASP A 505 38.19 5.27 14.69
N LEU A 506 38.09 4.17 15.42
CA LEU A 506 38.91 3.97 16.61
C LEU A 506 40.40 3.83 16.32
N LEU A 507 40.74 3.07 15.28
CA LEU A 507 42.14 2.88 14.92
C LEU A 507 42.76 4.16 14.40
N LYS A 508 41.91 5.08 13.96
CA LYS A 508 42.35 6.35 13.41
C LYS A 508 43.04 7.20 14.48
N LEU A 509 42.58 7.09 15.72
CA LEU A 509 43.15 7.85 16.82
C LEU A 509 44.65 7.58 16.93
N GLU A 510 45.08 6.43 16.41
CA GLU A 510 46.47 6.06 16.47
C GLU A 510 47.42 7.03 15.79
N HIS A 511 46.95 7.68 14.74
CA HIS A 511 47.79 8.61 13.99
C HIS A 511 47.74 10.06 14.48
N HIS A 512 47.02 10.31 15.57
CA HIS A 512 46.91 11.66 16.13
C HIS A 512 48.21 12.09 16.81
N HIS A 513 48.47 13.40 16.81
CA HIS A 513 49.68 13.92 17.45
C HIS A 513 49.44 14.15 18.94
N LYS B 8 -33.96 33.14 22.96
CA LYS B 8 -35.14 32.36 22.49
C LYS B 8 -34.75 30.93 22.12
N LYS B 9 -33.58 30.77 21.50
CA LYS B 9 -33.14 29.44 21.08
C LYS B 9 -31.91 28.89 21.82
N LYS B 10 -31.94 27.60 22.12
CA LYS B 10 -30.82 26.95 22.78
C LYS B 10 -29.65 26.86 21.81
N VAL B 11 -29.91 26.28 20.64
CA VAL B 11 -28.87 26.13 19.63
C VAL B 11 -29.38 26.46 18.22
N ILE B 12 -28.62 27.27 17.50
CA ILE B 12 -28.96 27.62 16.12
C ILE B 12 -27.88 27.04 15.20
N ILE B 13 -28.29 26.09 14.37
CA ILE B 13 -27.39 25.44 13.44
C ILE B 13 -27.56 26.04 12.05
N ILE B 14 -26.49 26.62 11.52
CA ILE B 14 -26.53 27.20 10.20
C ILE B 14 -26.06 26.15 9.19
N GLY B 15 -26.87 25.90 8.18
CA GLY B 15 -26.52 24.91 7.17
C GLY B 15 -27.18 23.59 7.50
N ALA B 16 -27.88 23.03 6.53
CA ALA B 16 -28.58 21.77 6.74
C ALA B 16 -27.97 20.67 5.88
N GLY B 17 -26.63 20.67 5.81
CA GLY B 17 -25.90 19.63 5.11
C GLY B 17 -25.77 18.51 6.13
N ILE B 18 -25.05 17.44 5.80
CA ILE B 18 -24.93 16.33 6.75
C ILE B 18 -24.42 16.76 8.13
N ALA B 19 -23.50 17.72 8.15
CA ALA B 19 -22.95 18.22 9.40
C ALA B 19 -24.04 18.87 10.25
N GLY B 20 -24.74 19.83 9.66
CA GLY B 20 -25.80 20.51 10.36
C GLY B 20 -26.91 19.55 10.75
N LEU B 21 -27.27 18.65 9.85
CA LEU B 21 -28.33 17.71 10.14
C LEU B 21 -27.98 16.73 11.26
N LYS B 22 -26.74 16.27 11.34
CA LYS B 22 -26.38 15.33 12.41
C LYS B 22 -26.39 16.06 13.75
N ALA B 23 -25.84 17.28 13.77
CA ALA B 23 -25.81 18.07 14.99
C ALA B 23 -27.23 18.18 15.55
N ALA B 24 -28.16 18.64 14.71
CA ALA B 24 -29.55 18.77 15.12
C ALA B 24 -30.06 17.41 15.62
N SER B 25 -29.83 16.37 14.84
CA SER B 25 -30.25 15.03 15.23
C SER B 25 -29.73 14.69 16.62
N THR B 26 -28.48 15.04 16.86
CA THR B 26 -27.82 14.76 18.12
C THR B 26 -28.45 15.53 19.27
N LEU B 27 -28.73 16.82 19.05
CA LEU B 27 -29.32 17.66 20.09
C LEU B 27 -30.66 17.08 20.54
N HIS B 28 -31.55 16.82 19.57
CA HIS B 28 -32.86 16.26 19.90
C HIS B 28 -32.63 14.99 20.72
N GLN B 29 -31.85 14.06 20.16
CA GLN B 29 -31.54 12.79 20.81
C GLN B 29 -31.11 12.95 22.27
N ASN B 30 -30.54 14.10 22.61
CA ASN B 30 -30.09 14.31 23.99
C ASN B 30 -31.04 15.17 24.82
N GLY B 31 -32.30 15.25 24.39
CA GLY B 31 -33.29 16.01 25.12
C GLY B 31 -33.21 17.53 25.08
N ILE B 32 -32.37 18.08 24.20
CA ILE B 32 -32.25 19.53 24.08
C ILE B 32 -33.37 20.03 23.18
N GLN B 33 -34.09 21.05 23.64
CA GLN B 33 -35.20 21.59 22.87
C GLN B 33 -34.98 23.03 22.43
N ASP B 34 -35.90 23.54 21.63
CA ASP B 34 -35.85 24.92 21.13
C ASP B 34 -34.60 25.21 20.30
N CYS B 35 -34.42 24.45 19.23
CA CYS B 35 -33.27 24.63 18.34
C CYS B 35 -33.72 24.93 16.92
N LEU B 36 -32.81 25.48 16.13
CA LEU B 36 -33.09 25.83 14.75
C LEU B 36 -32.01 25.32 13.80
N VAL B 37 -32.39 25.23 12.53
CA VAL B 37 -31.49 24.79 11.47
C VAL B 37 -31.78 25.76 10.32
N LEU B 38 -30.90 26.74 10.14
CA LEU B 38 -31.09 27.72 9.08
C LEU B 38 -30.29 27.35 7.82
N GLU B 39 -31.02 27.02 6.76
CA GLU B 39 -30.43 26.62 5.48
C GLU B 39 -30.77 27.62 4.37
N ALA B 40 -29.75 28.02 3.60
CA ALA B 40 -29.92 28.96 2.50
C ALA B 40 -30.68 28.38 1.30
N ARG B 41 -30.37 27.14 0.92
CA ARG B 41 -31.04 26.50 -0.21
C ARG B 41 -32.46 26.13 0.17
N ASP B 42 -33.26 25.79 -0.84
CA ASP B 42 -34.65 25.42 -0.61
C ASP B 42 -34.74 23.93 -0.30
N ARG B 43 -33.62 23.34 0.09
CA ARG B 43 -33.58 21.92 0.41
C ARG B 43 -32.48 21.67 1.41
N VAL B 44 -32.46 20.47 1.96
CA VAL B 44 -31.44 20.07 2.92
C VAL B 44 -30.50 19.14 2.15
N GLY B 45 -29.42 18.71 2.80
CA GLY B 45 -28.49 17.81 2.14
C GLY B 45 -27.16 18.45 1.78
N GLY B 46 -27.17 19.73 1.44
CA GLY B 46 -25.92 20.39 1.08
C GLY B 46 -25.27 19.72 -0.11
N ARG B 47 -24.00 19.36 0.04
CA ARG B 47 -23.28 18.71 -1.04
C ARG B 47 -23.67 17.26 -1.22
N LEU B 48 -24.72 16.85 -0.52
CA LEU B 48 -25.24 15.50 -0.71
C LEU B 48 -26.55 15.78 -1.43
N GLN B 49 -26.61 15.47 -2.72
CA GLN B 49 -27.81 15.68 -3.49
C GLN B 49 -28.02 14.58 -4.51
N THR B 50 -29.18 13.93 -4.44
CA THR B 50 -29.52 12.86 -5.36
C THR B 50 -30.52 13.44 -6.35
N VAL B 51 -30.14 13.51 -7.62
CA VAL B 51 -31.01 14.06 -8.64
C VAL B 51 -31.63 12.96 -9.51
N THR B 52 -32.70 13.28 -10.22
CA THR B 52 -33.38 12.32 -11.07
C THR B 52 -33.25 12.64 -12.55
N GLY B 53 -33.09 11.61 -13.37
CA GLY B 53 -32.97 11.80 -14.79
C GLY B 53 -33.81 10.83 -15.61
N TYR B 54 -33.27 10.41 -16.74
CA TYR B 54 -33.96 9.50 -17.65
C TYR B 54 -34.64 8.33 -16.93
N GLN B 55 -35.92 8.13 -17.26
CA GLN B 55 -36.75 7.07 -16.69
C GLN B 55 -36.74 7.07 -15.17
N GLY B 56 -36.51 8.24 -14.58
CA GLY B 56 -36.51 8.32 -13.12
C GLY B 56 -35.29 7.75 -12.42
N ARG B 57 -34.24 7.42 -13.18
CA ARG B 57 -33.02 6.89 -12.57
C ARG B 57 -32.51 7.94 -11.61
N LYS B 58 -31.90 7.52 -10.51
CA LYS B 58 -31.39 8.47 -9.53
C LYS B 58 -29.87 8.46 -9.47
N TYR B 59 -29.28 9.60 -9.16
CA TYR B 59 -27.84 9.71 -9.07
C TYR B 59 -27.38 10.70 -8.02
N ASP B 60 -26.39 10.31 -7.24
CA ASP B 60 -25.85 11.21 -6.27
C ASP B 60 -24.98 12.14 -7.10
N ILE B 61 -25.36 13.41 -7.20
CA ILE B 61 -24.59 14.36 -7.98
C ILE B 61 -23.48 14.95 -7.15
N GLY B 62 -23.56 14.73 -5.84
CA GLY B 62 -22.54 15.19 -4.92
C GLY B 62 -21.81 13.93 -4.45
N ALA B 63 -21.75 13.71 -3.15
CA ALA B 63 -21.10 12.52 -2.61
C ALA B 63 -21.80 11.26 -3.09
N SER B 64 -21.03 10.20 -3.29
CA SER B 64 -21.57 8.94 -3.77
C SER B 64 -21.10 7.73 -2.97
N TRP B 65 -19.89 7.83 -2.41
CA TRP B 65 -19.31 6.70 -1.68
C TRP B 65 -19.11 6.85 -0.18
N HIS B 66 -19.07 5.69 0.49
CA HIS B 66 -18.76 5.63 1.91
C HIS B 66 -17.28 5.24 1.85
N HIS B 67 -16.39 6.15 2.20
CA HIS B 67 -14.96 5.85 2.18
C HIS B 67 -14.52 5.28 3.52
N ASP B 68 -13.34 4.67 3.54
CA ASP B 68 -12.79 4.11 4.77
C ASP B 68 -13.79 3.26 5.55
N THR B 69 -14.43 2.31 4.88
CA THR B 69 -15.44 1.48 5.54
C THR B 69 -14.98 0.69 6.77
N LEU B 70 -13.68 0.66 7.04
CA LEU B 70 -13.19 -0.08 8.21
C LEU B 70 -13.40 0.71 9.50
N THR B 71 -13.33 2.03 9.39
CA THR B 71 -13.50 2.89 10.56
C THR B 71 -14.63 3.91 10.45
N ASN B 72 -15.16 4.10 9.24
CA ASN B 72 -16.24 5.07 9.00
C ASN B 72 -17.47 4.80 9.88
N PRO B 73 -17.70 5.63 10.90
CA PRO B 73 -18.83 5.48 11.83
C PRO B 73 -20.20 5.59 11.16
N LEU B 74 -20.31 6.50 10.18
CA LEU B 74 -21.57 6.66 9.48
C LEU B 74 -21.84 5.38 8.73
N PHE B 75 -20.85 4.89 7.98
CA PHE B 75 -21.03 3.66 7.24
C PHE B 75 -21.40 2.51 8.16
N LEU B 76 -20.65 2.37 9.26
CA LEU B 76 -20.91 1.29 10.21
C LEU B 76 -22.35 1.38 10.71
N GLU B 77 -22.83 2.61 10.90
CA GLU B 77 -24.20 2.83 11.35
C GLU B 77 -25.15 2.29 10.27
N GLU B 78 -24.83 2.58 9.01
CA GLU B 78 -25.65 2.11 7.89
C GLU B 78 -25.57 0.60 7.77
N ALA B 79 -24.40 0.06 8.12
CA ALA B 79 -24.18 -1.38 8.07
C ALA B 79 -25.13 -2.05 9.06
N GLN B 80 -25.20 -1.50 10.26
CA GLN B 80 -26.08 -2.03 11.30
C GLN B 80 -27.54 -2.09 10.83
N LEU B 81 -28.03 -0.96 10.33
CA LEU B 81 -29.40 -0.89 9.83
C LEU B 81 -29.64 -1.97 8.80
N SER B 82 -28.73 -2.08 7.84
CA SER B 82 -28.87 -3.08 6.80
C SER B 82 -28.80 -4.49 7.37
N LEU B 83 -28.01 -4.66 8.42
CA LEU B 83 -27.89 -5.98 9.03
C LEU B 83 -29.18 -6.34 9.75
N ASN B 84 -29.85 -5.32 10.27
CA ASN B 84 -31.11 -5.51 11.00
C ASN B 84 -32.35 -5.67 10.14
N ASP B 85 -32.45 -4.90 9.05
CA ASP B 85 -33.62 -4.98 8.18
C ASP B 85 -33.37 -5.68 6.86
N GLY B 86 -32.14 -6.15 6.67
CA GLY B 86 -31.81 -6.85 5.43
C GLY B 86 -31.98 -6.05 4.16
N ARG B 87 -32.18 -4.74 4.29
CA ARG B 87 -32.34 -3.90 3.12
C ARG B 87 -31.00 -3.43 2.58
N THR B 88 -30.98 -3.08 1.29
CA THR B 88 -29.75 -2.63 0.66
C THR B 88 -29.58 -1.12 0.74
N ARG B 89 -28.50 -0.68 1.38
CA ARG B 89 -28.22 0.74 1.51
C ARG B 89 -26.92 1.13 0.80
N PHE B 90 -26.18 0.14 0.33
CA PHE B 90 -24.91 0.40 -0.34
C PHE B 90 -24.38 -0.86 -1.01
N VAL B 91 -23.37 -0.69 -1.86
CA VAL B 91 -22.76 -1.83 -2.55
C VAL B 91 -21.25 -1.59 -2.65
N PHE B 92 -20.46 -2.56 -2.26
CA PHE B 92 -19.02 -2.41 -2.36
C PHE B 92 -18.68 -2.55 -3.83
N ASP B 93 -18.32 -1.43 -4.45
CA ASP B 93 -18.03 -1.44 -5.87
C ASP B 93 -16.58 -1.27 -6.26
N ASP B 94 -15.65 -1.51 -5.35
CA ASP B 94 -14.25 -1.41 -5.74
C ASP B 94 -14.04 -2.47 -6.80
N ASP B 95 -13.22 -2.18 -7.79
CA ASP B 95 -13.00 -3.15 -8.86
C ASP B 95 -11.64 -2.99 -9.47
N ASN B 96 -11.27 -3.91 -10.35
CA ASN B 96 -10.00 -3.82 -11.04
C ASN B 96 -10.16 -2.72 -12.07
N PHE B 97 -9.31 -1.72 -11.99
CA PHE B 97 -9.38 -0.59 -12.91
C PHE B 97 -9.02 -0.89 -14.35
N ILE B 98 -9.87 -0.41 -15.25
CA ILE B 98 -9.64 -0.55 -16.67
C ILE B 98 -9.06 0.79 -17.11
N TYR B 99 -7.88 0.77 -17.70
CA TYR B 99 -7.25 2.01 -18.15
C TYR B 99 -7.26 2.05 -19.67
N ILE B 100 -7.72 3.17 -20.21
CA ILE B 100 -7.81 3.33 -21.65
C ILE B 100 -7.06 4.54 -22.23
N ASP B 101 -6.18 4.28 -23.18
CA ASP B 101 -5.43 5.32 -23.85
C ASP B 101 -6.04 5.41 -25.25
N GLU B 102 -6.28 6.62 -25.72
CA GLU B 102 -6.91 6.82 -27.02
C GLU B 102 -6.33 5.99 -28.16
N GLU B 103 -5.00 5.94 -28.22
CA GLU B 103 -4.33 5.22 -29.29
C GLU B 103 -4.10 3.73 -29.04
N ARG B 104 -3.54 3.41 -27.89
CA ARG B 104 -3.24 2.02 -27.57
C ARG B 104 -4.42 1.20 -27.05
N GLY B 105 -5.43 1.87 -26.50
CA GLY B 105 -6.57 1.15 -25.97
C GLY B 105 -6.29 0.76 -24.52
N ARG B 106 -6.75 -0.42 -24.10
CA ARG B 106 -6.52 -0.87 -22.73
C ARG B 106 -5.05 -1.04 -22.41
N VAL B 107 -4.65 -0.65 -21.21
CA VAL B 107 -3.27 -0.76 -20.77
C VAL B 107 -3.21 -1.20 -19.32
N ASP B 108 -4.36 -1.59 -18.80
CA ASP B 108 -4.45 -2.07 -17.42
C ASP B 108 -4.01 -3.53 -17.38
N HIS B 109 -3.53 -3.98 -16.23
CA HIS B 109 -3.10 -5.37 -16.03
C HIS B 109 -2.36 -5.94 -17.25
N ASP B 110 -1.44 -5.17 -17.80
CA ASP B 110 -0.67 -5.57 -18.99
C ASP B 110 0.65 -6.28 -18.63
N LYS B 111 0.79 -7.52 -19.11
CA LYS B 111 2.00 -8.31 -18.82
C LYS B 111 3.32 -7.63 -19.15
N GLU B 112 3.29 -6.61 -20.00
CA GLU B 112 4.53 -5.90 -20.38
C GLU B 112 4.66 -4.49 -19.79
N LEU B 113 3.56 -3.75 -19.70
CA LEU B 113 3.60 -2.40 -19.16
C LEU B 113 3.63 -2.41 -17.63
N LEU B 114 2.91 -3.37 -17.04
CA LEU B 114 2.84 -3.54 -15.60
C LEU B 114 2.77 -2.18 -14.92
N LEU B 115 1.91 -1.32 -15.47
CA LEU B 115 1.76 0.04 -14.96
C LEU B 115 1.37 0.13 -13.49
N GLU B 116 0.48 -0.77 -13.06
CA GLU B 116 0.02 -0.76 -11.69
C GLU B 116 1.14 -0.98 -10.68
N ILE B 117 2.12 -1.80 -11.07
CA ILE B 117 3.25 -2.09 -10.20
C ILE B 117 4.17 -0.87 -10.04
N VAL B 118 4.48 -0.18 -11.12
CA VAL B 118 5.34 1.00 -10.98
C VAL B 118 4.55 2.15 -10.36
N ASP B 119 3.22 2.10 -10.44
CA ASP B 119 2.41 3.12 -9.83
C ASP B 119 2.57 2.92 -8.31
N ASN B 120 2.60 1.67 -7.89
CA ASN B 120 2.76 1.37 -6.48
C ASN B 120 4.12 1.86 -5.98
N GLU B 121 5.16 1.65 -6.78
CA GLU B 121 6.49 2.11 -6.39
C GLU B 121 6.47 3.63 -6.29
N MET B 122 5.73 4.25 -7.19
CA MET B 122 5.58 5.70 -7.22
C MET B 122 5.07 6.20 -5.86
N SER B 123 3.94 5.66 -5.40
CA SER B 123 3.39 6.08 -4.11
C SER B 123 4.41 5.85 -2.99
N LYS B 124 5.09 4.72 -3.06
CA LYS B 124 6.10 4.41 -2.05
C LYS B 124 7.18 5.50 -2.14
N PHE B 125 7.50 5.90 -3.36
CA PHE B 125 8.50 6.94 -3.57
C PHE B 125 8.07 8.25 -2.92
N ALA B 126 6.79 8.59 -3.04
CA ALA B 126 6.26 9.82 -2.47
C ALA B 126 6.32 9.79 -0.94
N GLU B 127 6.03 8.64 -0.37
CA GLU B 127 6.04 8.46 1.08
C GLU B 127 7.46 8.73 1.59
N LEU B 128 8.45 8.11 0.97
CA LEU B 128 9.84 8.31 1.39
C LEU B 128 10.28 9.77 1.24
N GLU B 129 9.83 10.43 0.17
CA GLU B 129 10.18 11.82 -0.08
C GLU B 129 9.77 12.79 1.03
N PHE B 130 8.60 12.55 1.64
CA PHE B 130 8.11 13.45 2.69
C PHE B 130 8.19 12.94 4.11
N HIS B 131 9.12 12.02 4.38
CA HIS B 131 9.28 11.49 5.73
C HIS B 131 10.47 12.13 6.44
N GLY B 135 8.69 16.89 5.71
CA GLY B 135 8.39 17.16 4.30
C GLY B 135 9.13 18.37 3.77
N VAL B 136 10.46 18.25 3.69
CA VAL B 136 11.32 19.33 3.21
C VAL B 136 10.86 19.92 1.88
N SER B 137 10.16 21.05 1.96
CA SER B 137 9.65 21.77 0.80
C SER B 137 8.70 20.95 -0.08
N ASP B 138 7.47 21.45 -0.23
CA ASP B 138 6.48 20.77 -1.04
C ASP B 138 6.46 21.31 -2.46
N CYS B 139 6.08 20.45 -3.40
CA CYS B 139 6.00 20.80 -4.82
C CYS B 139 4.63 20.31 -5.32
N SER B 140 4.40 20.37 -6.62
CA SER B 140 3.13 19.90 -7.15
C SER B 140 3.25 18.41 -7.46
N PHE B 141 2.11 17.73 -7.55
CA PHE B 141 2.09 16.31 -7.85
C PHE B 141 2.84 16.05 -9.15
N PHE B 142 2.69 16.97 -10.10
CA PHE B 142 3.36 16.84 -11.39
C PHE B 142 4.88 16.84 -11.18
N GLN B 143 5.36 17.76 -10.34
CA GLN B 143 6.79 17.86 -10.06
C GLN B 143 7.36 16.59 -9.43
N LEU B 144 6.58 15.97 -8.54
CA LEU B 144 6.98 14.74 -7.87
C LEU B 144 7.06 13.55 -8.84
N VAL B 145 6.10 13.46 -9.75
CA VAL B 145 6.10 12.37 -10.72
C VAL B 145 7.29 12.54 -11.64
N MET B 146 7.58 13.78 -12.03
CA MET B 146 8.73 14.00 -12.90
C MET B 146 10.03 13.59 -12.18
N LYS B 147 10.13 13.88 -10.89
CA LYS B 147 11.34 13.53 -10.13
C LYS B 147 11.52 12.01 -10.09
N TYR B 148 10.42 11.31 -9.84
CA TYR B 148 10.44 9.86 -9.80
C TYR B 148 11.00 9.28 -11.10
N LEU B 149 10.44 9.71 -12.23
CA LEU B 149 10.85 9.23 -13.56
C LEU B 149 12.31 9.49 -13.87
N LEU B 150 12.79 10.66 -13.46
CA LEU B 150 14.18 10.99 -13.71
C LEU B 150 15.10 10.09 -12.89
N GLN B 151 14.80 9.97 -11.61
CA GLN B 151 15.61 9.14 -10.72
C GLN B 151 15.52 7.64 -11.00
N ARG B 152 14.39 7.19 -11.53
CA ARG B 152 14.23 5.77 -11.76
C ARG B 152 14.20 5.31 -13.21
N ARG B 153 14.45 6.23 -14.15
CA ARG B 153 14.43 5.87 -15.56
C ARG B 153 15.28 4.65 -15.92
N GLN B 154 16.35 4.41 -15.18
CA GLN B 154 17.21 3.26 -15.50
C GLN B 154 16.43 1.95 -15.34
N PHE B 155 15.40 1.98 -14.51
CA PHE B 155 14.61 0.77 -14.26
C PHE B 155 13.19 0.84 -14.82
N LEU B 156 13.00 1.67 -15.86
CA LEU B 156 11.69 1.84 -16.48
C LEU B 156 11.79 1.76 -18.00
N THR B 157 10.88 1.01 -18.61
CA THR B 157 10.86 0.87 -20.07
C THR B 157 10.35 2.19 -20.66
N ASN B 158 10.37 2.28 -21.98
CA ASN B 158 9.88 3.48 -22.65
C ASN B 158 8.39 3.69 -22.43
N ASP B 159 7.61 2.62 -22.60
CA ASP B 159 6.17 2.73 -22.41
C ASP B 159 5.78 3.01 -20.97
N GLN B 160 6.58 2.53 -20.03
CA GLN B 160 6.27 2.81 -18.63
C GLN B 160 6.47 4.29 -18.37
N ILE B 161 7.53 4.87 -18.93
CA ILE B 161 7.79 6.29 -18.75
C ILE B 161 6.69 7.13 -19.42
N ARG B 162 6.20 6.67 -20.55
CA ARG B 162 5.15 7.37 -21.29
C ARG B 162 3.79 7.26 -20.61
N TYR B 163 3.34 6.04 -20.34
CA TYR B 163 2.02 5.85 -19.77
C TYR B 163 1.82 5.95 -18.25
N LEU B 164 2.81 5.59 -17.44
CA LEU B 164 2.65 5.65 -15.99
C LEU B 164 2.24 7.01 -15.45
N PRO B 165 2.94 8.09 -15.86
CA PRO B 165 2.55 9.40 -15.36
C PRO B 165 1.10 9.77 -15.65
N GLN B 166 0.56 9.26 -16.75
CA GLN B 166 -0.82 9.55 -17.10
C GLN B 166 -1.76 8.66 -16.29
N LEU B 167 -1.28 7.47 -15.94
CA LEU B 167 -2.10 6.57 -15.15
C LEU B 167 -2.21 7.02 -13.70
N CYS B 168 -1.11 7.50 -13.14
CA CYS B 168 -1.11 7.93 -11.74
C CYS B 168 -1.96 9.18 -11.48
N ARG B 169 -2.31 9.91 -12.53
CA ARG B 169 -3.12 11.11 -12.38
C ARG B 169 -4.59 10.81 -12.04
N TYR B 170 -4.94 9.54 -11.86
CA TYR B 170 -6.31 9.23 -11.49
C TYR B 170 -6.52 9.87 -10.11
N LEU B 171 -5.41 10.14 -9.42
CA LEU B 171 -5.47 10.76 -8.11
C LEU B 171 -6.05 12.17 -8.23
N GLU B 172 -6.08 12.71 -9.45
CA GLU B 172 -6.66 14.04 -9.66
C GLU B 172 -8.15 13.94 -9.34
N LEU B 173 -8.74 12.78 -9.62
CA LEU B 173 -10.16 12.57 -9.35
C LEU B 173 -10.48 12.28 -7.89
N TRP B 174 -9.45 12.26 -7.04
CA TRP B 174 -9.68 12.05 -5.60
C TRP B 174 -9.64 13.41 -4.92
N HIS B 175 -8.86 14.33 -5.49
CA HIS B 175 -8.72 15.66 -4.94
C HIS B 175 -9.50 16.70 -5.74
N GLY B 176 -9.79 16.41 -7.00
CA GLY B 176 -10.51 17.35 -7.84
C GLY B 176 -9.59 18.46 -8.34
N LEU B 177 -8.28 18.18 -8.43
CA LEU B 177 -7.30 19.16 -8.91
C LEU B 177 -6.29 18.58 -9.90
N ASP B 178 -6.01 19.33 -10.95
CA ASP B 178 -5.04 18.93 -11.96
C ASP B 178 -3.73 18.67 -11.22
N TRP B 179 -2.86 17.81 -11.78
CA TRP B 179 -1.62 17.48 -11.10
C TRP B 179 -0.63 18.63 -10.94
N LYS B 180 -0.78 19.69 -11.74
CA LYS B 180 0.11 20.83 -11.62
C LYS B 180 -0.40 21.83 -10.58
N LEU B 181 -1.59 21.57 -10.04
CA LEU B 181 -2.17 22.45 -9.04
C LEU B 181 -2.23 21.80 -7.68
N LEU B 182 -2.04 20.49 -7.66
CA LEU B 182 -2.13 19.71 -6.44
C LEU B 182 -0.84 19.61 -5.64
N SER B 183 -0.99 19.73 -4.33
CA SER B 183 0.12 19.61 -3.39
C SER B 183 0.59 18.16 -3.39
N ALA B 184 1.89 17.96 -3.60
CA ALA B 184 2.49 16.63 -3.62
C ALA B 184 2.42 15.98 -2.25
N LYS B 185 2.64 16.78 -1.21
CA LYS B 185 2.62 16.30 0.16
C LYS B 185 1.27 15.71 0.57
N ASP B 186 0.18 16.27 0.05
CA ASP B 186 -1.14 15.77 0.44
C ASP B 186 -1.77 14.84 -0.59
N THR B 187 -1.07 14.60 -1.69
CA THR B 187 -1.60 13.77 -2.75
C THR B 187 -1.95 12.34 -2.33
N TYR B 188 -1.01 11.66 -1.70
CA TYR B 188 -1.22 10.28 -1.27
C TYR B 188 -1.70 10.12 0.16
N PHE B 189 -2.96 9.74 0.33
CA PHE B 189 -3.49 9.52 1.67
C PHE B 189 -3.85 8.05 1.82
N GLY B 190 -4.00 7.60 3.06
CA GLY B 190 -4.32 6.20 3.30
C GLY B 190 -5.79 5.86 3.29
N HIS B 191 -6.17 4.93 2.42
CA HIS B 191 -7.56 4.50 2.35
C HIS B 191 -7.78 3.39 3.36
N GLN B 192 -8.51 3.72 4.43
CA GLN B 192 -8.79 2.78 5.50
C GLN B 192 -9.80 1.72 5.08
N GLY B 193 -9.44 0.92 4.08
CA GLY B 193 -10.33 -0.12 3.62
C GLY B 193 -11.10 0.21 2.36
N ARG B 194 -11.93 -0.72 1.93
CA ARG B 194 -12.72 -0.53 0.72
C ARG B 194 -13.74 0.59 0.77
N ASN B 195 -14.25 0.95 -0.39
CA ASN B 195 -15.25 1.99 -0.53
C ASN B 195 -16.59 1.32 -0.79
N ALA B 196 -17.66 1.94 -0.32
CA ALA B 196 -18.98 1.39 -0.53
C ALA B 196 -19.87 2.44 -1.18
N PHE B 197 -20.25 2.19 -2.43
CA PHE B 197 -21.10 3.11 -3.18
C PHE B 197 -22.48 3.20 -2.51
N ALA B 198 -22.83 4.39 -2.04
CA ALA B 198 -24.11 4.59 -1.36
C ALA B 198 -25.27 4.42 -2.33
N LEU B 199 -26.25 3.61 -1.95
CA LEU B 199 -27.39 3.43 -2.82
C LEU B 199 -28.44 4.39 -2.32
N ASN B 200 -28.09 5.67 -2.45
CA ASN B 200 -28.98 6.73 -2.04
C ASN B 200 -28.48 7.46 -0.82
N TYR B 201 -27.56 8.41 -1.01
CA TYR B 201 -27.06 9.20 0.11
C TYR B 201 -28.24 10.05 0.57
N ASP B 202 -29.25 10.17 -0.29
CA ASP B 202 -30.44 10.95 0.05
C ASP B 202 -31.20 10.20 1.14
N SER B 203 -31.06 8.87 1.16
CA SER B 203 -31.70 8.07 2.20
C SER B 203 -31.00 8.35 3.52
N VAL B 204 -29.70 8.63 3.45
CA VAL B 204 -28.94 8.94 4.66
C VAL B 204 -29.44 10.30 5.13
N VAL B 205 -29.49 11.26 4.21
CA VAL B 205 -29.95 12.60 4.53
C VAL B 205 -31.36 12.59 5.14
N GLN B 206 -32.29 11.89 4.49
CA GLN B 206 -33.68 11.82 4.98
C GLN B 206 -33.81 11.21 6.36
N ARG B 207 -33.13 10.09 6.60
CA ARG B 207 -33.20 9.43 7.90
C ARG B 207 -32.71 10.35 9.02
N ILE B 208 -31.59 11.04 8.78
CA ILE B 208 -31.05 11.94 9.79
C ILE B 208 -31.96 13.14 9.91
N ALA B 209 -32.32 13.73 8.78
CA ALA B 209 -33.18 14.90 8.76
C ALA B 209 -34.49 14.71 9.53
N GLN B 210 -35.07 13.51 9.45
CA GLN B 210 -36.32 13.22 10.14
C GLN B 210 -36.17 12.89 11.62
N SER B 211 -34.93 12.85 12.11
CA SER B 211 -34.68 12.50 13.50
C SER B 211 -34.81 13.65 14.51
N PHE B 212 -35.25 14.82 14.06
CA PHE B 212 -35.42 15.96 14.96
C PHE B 212 -36.67 16.75 14.56
N PRO B 213 -37.15 17.65 15.44
CA PRO B 213 -38.33 18.47 15.17
C PRO B 213 -38.38 19.16 13.81
N GLN B 214 -39.30 18.72 12.96
CA GLN B 214 -39.44 19.29 11.63
C GLN B 214 -39.58 20.81 11.65
N ASN B 215 -40.22 21.35 12.68
CA ASN B 215 -40.40 22.78 12.76
C ASN B 215 -39.09 23.49 13.12
N TRP B 216 -38.02 22.72 13.25
CA TRP B 216 -36.72 23.29 13.56
C TRP B 216 -36.07 23.81 12.27
N LEU B 217 -36.48 23.25 11.14
CA LEU B 217 -35.91 23.61 9.84
C LEU B 217 -36.43 24.88 9.15
N LYS B 218 -35.52 25.76 8.78
CA LYS B 218 -35.86 27.00 8.08
C LYS B 218 -35.10 27.06 6.76
N LEU B 219 -35.79 26.79 5.65
CA LEU B 219 -35.17 26.81 4.33
C LEU B 219 -35.23 28.21 3.70
N SER B 220 -34.30 28.48 2.79
CA SER B 220 -34.21 29.77 2.13
C SER B 220 -33.80 30.88 3.10
N CYS B 221 -33.20 30.49 4.23
CA CYS B 221 -32.73 31.45 5.23
C CYS B 221 -31.24 31.66 4.97
N GLU B 222 -30.90 32.67 4.20
CA GLU B 222 -29.49 32.92 3.96
C GLU B 222 -29.00 33.77 5.12
N VAL B 223 -28.30 33.15 6.07
CA VAL B 223 -27.78 33.89 7.21
C VAL B 223 -26.77 34.91 6.68
N LYS B 224 -26.93 36.18 7.07
CA LYS B 224 -26.06 37.24 6.60
C LYS B 224 -25.06 37.76 7.62
N SER B 225 -25.36 37.58 8.91
CA SER B 225 -24.46 38.07 9.95
C SER B 225 -24.63 37.36 11.28
N ILE B 226 -23.51 37.18 11.98
CA ILE B 226 -23.50 36.53 13.29
C ILE B 226 -22.74 37.42 14.27
N THR B 227 -23.39 37.77 15.37
CA THR B 227 -22.76 38.63 16.37
C THR B 227 -22.81 38.05 17.77
N ARG B 228 -21.68 38.12 18.45
CA ARG B 228 -21.59 37.62 19.81
C ARG B 228 -22.01 38.71 20.76
N GLU B 229 -23.28 38.67 21.18
CA GLU B 229 -23.77 39.68 22.11
C GLU B 229 -23.06 39.54 23.44
N PRO B 230 -22.35 40.60 23.89
CA PRO B 230 -21.64 40.55 25.17
C PRO B 230 -22.61 40.44 26.34
N SER B 231 -23.39 39.36 26.34
CA SER B 231 -24.38 39.10 27.36
C SER B 231 -24.75 37.62 27.39
N LYS B 232 -23.83 36.76 26.96
CA LYS B 232 -24.09 35.34 26.95
C LYS B 232 -25.14 34.89 25.96
N ASN B 233 -25.22 35.58 24.82
CA ASN B 233 -26.19 35.22 23.79
C ASN B 233 -25.66 35.58 22.41
N VAL B 234 -25.94 34.71 21.44
CA VAL B 234 -25.50 34.94 20.07
C VAL B 234 -26.70 35.36 19.23
N THR B 235 -26.50 36.33 18.36
CA THR B 235 -27.57 36.81 17.49
C THR B 235 -27.29 36.50 16.04
N VAL B 236 -28.29 35.90 15.38
CA VAL B 236 -28.16 35.52 13.97
C VAL B 236 -29.21 36.27 13.15
N ASN B 237 -28.81 36.80 12.00
CA ASN B 237 -29.72 37.52 11.12
C ASN B 237 -29.73 36.92 9.71
N CYS B 238 -30.86 36.38 9.27
CA CYS B 238 -30.95 35.84 7.91
C CYS B 238 -31.17 37.05 7.00
N GLU B 239 -30.91 36.89 5.71
CA GLU B 239 -31.03 37.99 4.74
C GLU B 239 -32.38 38.72 4.70
N ASP B 240 -33.48 37.97 4.73
CA ASP B 240 -34.82 38.57 4.67
C ASP B 240 -35.03 39.64 5.72
N GLY B 241 -34.62 39.35 6.95
CA GLY B 241 -34.78 40.33 8.01
C GLY B 241 -35.02 39.72 9.37
N THR B 242 -35.45 38.47 9.40
CA THR B 242 -35.70 37.78 10.66
C THR B 242 -34.41 37.71 11.48
N VAL B 243 -34.54 37.95 12.78
CA VAL B 243 -33.39 37.92 13.68
C VAL B 243 -33.62 36.88 14.78
N TYR B 244 -32.54 36.25 15.21
CA TYR B 244 -32.63 35.24 16.25
C TYR B 244 -31.55 35.45 17.30
N ASN B 245 -31.75 34.80 18.45
CA ASN B 245 -30.80 34.87 19.55
C ASN B 245 -30.73 33.46 20.13
N ALA B 246 -29.52 32.98 20.38
CA ALA B 246 -29.36 31.64 20.93
C ALA B 246 -28.18 31.54 21.87
N ASP B 247 -28.17 30.46 22.65
CA ASP B 247 -27.10 30.22 23.60
C ASP B 247 -25.87 29.69 22.88
N TYR B 248 -26.10 28.88 21.84
CA TYR B 248 -25.00 28.31 21.07
C TYR B 248 -25.31 28.29 19.58
N VAL B 249 -24.29 28.48 18.76
CA VAL B 249 -24.48 28.46 17.31
C VAL B 249 -23.43 27.55 16.68
N ILE B 250 -23.88 26.73 15.71
CA ILE B 250 -22.99 25.82 15.02
C ILE B 250 -23.02 26.16 13.53
N ILE B 251 -21.95 26.80 13.06
CA ILE B 251 -21.81 27.21 11.66
C ILE B 251 -21.25 26.06 10.82
N THR B 252 -22.03 25.52 9.91
CA THR B 252 -21.56 24.43 9.08
C THR B 252 -21.43 24.78 7.60
N VAL B 253 -21.48 26.06 7.28
CA VAL B 253 -21.34 26.46 5.88
C VAL B 253 -19.97 26.00 5.41
N PRO B 254 -19.83 25.65 4.11
CA PRO B 254 -18.55 25.20 3.59
C PRO B 254 -17.40 26.19 3.73
N GLN B 255 -16.19 25.65 3.75
CA GLN B 255 -14.97 26.43 3.89
C GLN B 255 -14.89 27.59 2.89
N SER B 256 -15.15 27.30 1.63
CA SER B 256 -15.10 28.32 0.58
C SER B 256 -16.07 29.48 0.87
N VAL B 257 -17.21 29.16 1.46
CA VAL B 257 -18.18 30.18 1.78
C VAL B 257 -17.70 30.96 3.00
N LEU B 258 -17.24 30.23 4.01
CA LEU B 258 -16.74 30.85 5.22
C LEU B 258 -15.54 31.75 4.90
N ASN B 259 -14.85 31.44 3.81
CA ASN B 259 -13.69 32.23 3.43
C ASN B 259 -14.08 33.64 2.96
N LEU B 260 -15.33 33.82 2.56
CA LEU B 260 -15.80 35.13 2.11
C LEU B 260 -15.77 36.10 3.27
N SER B 261 -16.05 35.58 4.47
CA SER B 261 -16.07 36.40 5.67
C SER B 261 -14.80 37.20 5.90
N VAL B 262 -13.64 36.59 5.63
CA VAL B 262 -12.37 37.28 5.83
C VAL B 262 -12.04 38.15 4.63
N GLN B 263 -13.06 38.47 3.84
CA GLN B 263 -12.83 39.30 2.68
C GLN B 263 -13.66 40.57 2.74
N PRO B 264 -13.12 41.66 2.22
CA PRO B 264 -13.83 42.92 2.22
C PRO B 264 -14.89 42.98 1.13
N GLU B 265 -15.89 43.83 1.33
CA GLU B 265 -16.95 43.95 0.33
C GLU B 265 -18.10 43.01 0.61
N LYS B 266 -18.47 42.92 1.89
CA LYS B 266 -19.55 42.05 2.29
C LYS B 266 -20.80 42.26 1.46
N ASN B 267 -20.94 41.46 0.40
CA ASN B 267 -22.08 41.53 -0.50
C ASN B 267 -22.23 40.17 -1.16
N LEU B 268 -21.12 39.43 -1.17
CA LEU B 268 -21.07 38.10 -1.77
C LEU B 268 -22.18 37.19 -1.24
N ARG B 269 -22.87 36.53 -2.16
CA ARG B 269 -23.94 35.62 -1.79
C ARG B 269 -23.41 34.55 -0.87
N GLY B 270 -24.02 34.44 0.32
CA GLY B 270 -23.59 33.43 1.27
C GLY B 270 -22.75 33.95 2.41
N ARG B 271 -21.87 34.90 2.10
CA ARG B 271 -20.99 35.48 3.09
C ARG B 271 -21.68 35.92 4.38
N ILE B 272 -21.08 35.57 5.51
CA ILE B 272 -21.61 35.92 6.81
C ILE B 272 -20.71 36.97 7.45
N GLU B 273 -21.32 37.93 8.14
CA GLU B 273 -20.56 38.99 8.81
C GLU B 273 -20.44 38.66 10.29
N PHE B 274 -19.21 38.39 10.73
CA PHE B 274 -18.96 38.06 12.13
C PHE B 274 -18.55 39.31 12.91
N GLN B 275 -19.11 39.46 14.10
CA GLN B 275 -18.80 40.60 14.95
C GLN B 275 -18.70 40.16 16.41
N PRO B 276 -17.49 40.19 16.99
CA PRO B 276 -16.24 40.61 16.34
C PRO B 276 -15.80 39.65 15.25
N PRO B 277 -14.91 40.10 14.36
CA PRO B 277 -14.43 39.25 13.28
C PRO B 277 -13.83 37.95 13.78
N LEU B 278 -13.74 36.96 12.89
CA LEU B 278 -13.16 35.67 13.25
C LEU B 278 -11.73 35.90 13.70
N LYS B 279 -11.34 35.34 14.84
CA LYS B 279 -9.99 35.53 15.34
C LYS B 279 -8.91 35.18 14.31
N PRO B 280 -7.75 35.85 14.40
CA PRO B 280 -6.62 35.64 13.48
C PRO B 280 -6.24 34.20 13.17
N VAL B 281 -6.27 33.33 14.16
CA VAL B 281 -5.91 31.94 13.92
C VAL B 281 -6.81 31.34 12.82
N ILE B 282 -8.05 31.80 12.74
CA ILE B 282 -8.99 31.31 11.71
C ILE B 282 -8.66 31.92 10.36
N GLN B 283 -8.55 33.25 10.33
CA GLN B 283 -8.23 33.97 9.10
C GLN B 283 -6.99 33.40 8.42
N ASP B 284 -5.90 33.28 9.17
CA ASP B 284 -4.66 32.78 8.62
C ASP B 284 -4.81 31.37 8.09
N ALA B 285 -5.68 30.59 8.73
CA ALA B 285 -5.89 29.22 8.29
C ALA B 285 -6.27 29.13 6.83
N PHE B 286 -6.98 30.12 6.32
CA PHE B 286 -7.40 30.11 4.91
C PHE B 286 -6.23 30.27 3.94
N ASP B 287 -5.11 30.81 4.41
CA ASP B 287 -3.94 30.99 3.55
C ASP B 287 -3.28 29.64 3.21
N LYS B 288 -3.58 28.62 4.01
CA LYS B 288 -3.00 27.30 3.79
C LYS B 288 -4.04 26.19 3.63
N ILE B 289 -5.22 26.54 3.13
CA ILE B 289 -6.29 25.56 2.96
C ILE B 289 -6.68 25.33 1.51
N HIS B 290 -7.57 26.18 0.99
CA HIS B 290 -8.03 26.11 -0.40
C HIS B 290 -9.08 25.05 -0.69
N PHE B 291 -9.69 25.17 -1.87
CA PHE B 291 -10.78 24.29 -2.26
C PHE B 291 -10.54 23.57 -3.59
N GLY B 292 -11.14 22.39 -3.73
CA GLY B 292 -10.99 21.62 -4.96
C GLY B 292 -12.29 21.67 -5.76
N ALA B 293 -12.27 21.20 -7.00
CA ALA B 293 -13.49 21.22 -7.80
C ALA B 293 -13.83 19.91 -8.46
N LEU B 294 -14.20 18.92 -7.67
CA LEU B 294 -14.57 17.64 -8.25
C LEU B 294 -15.94 17.85 -8.89
N GLY B 295 -16.05 17.49 -10.17
CA GLY B 295 -17.32 17.64 -10.87
C GLY B 295 -17.84 16.31 -11.38
N LYS B 296 -19.10 16.31 -11.80
CA LYS B 296 -19.73 15.08 -12.30
C LYS B 296 -20.59 15.29 -13.56
N VAL B 297 -20.47 14.34 -14.48
CA VAL B 297 -21.26 14.32 -15.71
C VAL B 297 -21.85 12.91 -15.78
N ILE B 298 -23.17 12.81 -15.85
CA ILE B 298 -23.82 11.50 -15.92
C ILE B 298 -24.24 11.19 -17.37
N PHE B 299 -23.88 10.01 -17.85
CA PHE B 299 -24.27 9.62 -19.22
C PHE B 299 -25.29 8.49 -19.14
N GLU B 300 -26.53 8.79 -19.50
CA GLU B 300 -27.61 7.81 -19.46
C GLU B 300 -27.89 7.21 -20.83
N PHE B 301 -27.80 5.88 -20.91
CA PHE B 301 -28.04 5.19 -22.16
C PHE B 301 -29.35 4.41 -22.08
N GLU B 302 -29.94 4.08 -23.23
CA GLU B 302 -31.18 3.33 -23.26
C GLU B 302 -31.03 2.03 -22.47
N GLU B 303 -29.97 1.30 -22.76
CA GLU B 303 -29.68 0.06 -22.06
C GLU B 303 -28.22 -0.35 -22.28
N CYS B 304 -27.75 -1.30 -21.48
CA CYS B 304 -26.37 -1.78 -21.57
C CYS B 304 -26.13 -2.77 -22.68
N CYS B 305 -25.12 -2.49 -23.50
CA CYS B 305 -24.75 -3.38 -24.59
C CYS B 305 -23.24 -3.39 -24.69
N TRP B 306 -22.59 -3.39 -23.53
CA TRP B 306 -21.15 -3.39 -23.43
C TRP B 306 -20.70 -4.25 -22.26
N SER B 307 -19.51 -4.83 -22.38
CA SER B 307 -18.96 -5.68 -21.32
C SER B 307 -18.97 -5.04 -19.94
N ASN B 308 -19.39 -5.82 -18.95
CA ASN B 308 -19.44 -5.34 -17.56
C ASN B 308 -18.29 -5.94 -16.76
N GLU B 309 -17.14 -6.09 -17.41
CA GLU B 309 -15.95 -6.64 -16.78
C GLU B 309 -15.59 -5.88 -15.51
N SER B 310 -15.79 -4.57 -15.53
CA SER B 310 -15.45 -3.74 -14.37
C SER B 310 -16.34 -2.50 -14.28
N SER B 311 -16.54 -2.04 -13.06
CA SER B 311 -17.35 -0.85 -12.82
C SER B 311 -16.45 0.40 -12.77
N LYS B 312 -15.14 0.19 -12.79
CA LYS B 312 -14.17 1.28 -12.74
C LYS B 312 -13.40 1.41 -14.05
N ILE B 313 -13.52 2.56 -14.70
CA ILE B 313 -12.83 2.81 -15.96
C ILE B 313 -12.19 4.19 -15.94
N VAL B 314 -10.99 4.28 -16.50
CA VAL B 314 -10.30 5.57 -16.57
C VAL B 314 -9.65 5.75 -17.92
N THR B 315 -9.97 6.86 -18.58
CA THR B 315 -9.33 7.14 -19.86
C THR B 315 -8.16 8.05 -19.50
N LEU B 316 -6.99 7.75 -20.06
CA LEU B 316 -5.77 8.51 -19.80
C LEU B 316 -5.60 9.63 -20.81
N ALA B 317 -5.10 10.79 -20.36
CA ALA B 317 -4.85 11.91 -21.26
C ALA B 317 -3.83 11.42 -22.30
N ASN B 318 -3.85 12.00 -23.50
CA ASN B 318 -2.90 11.59 -24.55
C ASN B 318 -1.48 11.76 -24.03
N SER B 319 -0.56 10.93 -24.54
CA SER B 319 0.84 11.00 -24.13
C SER B 319 1.69 10.90 -25.41
N THR B 320 2.98 11.19 -25.30
CA THR B 320 3.83 11.15 -26.48
C THR B 320 5.15 10.40 -26.32
N ASN B 321 5.68 9.93 -27.44
CA ASN B 321 6.95 9.24 -27.42
C ASN B 321 8.06 10.27 -27.25
N GLU B 322 7.81 11.51 -27.66
CA GLU B 322 8.81 12.54 -27.50
C GLU B 322 9.04 12.80 -26.02
N PHE B 323 7.99 12.61 -25.22
CA PHE B 323 8.09 12.80 -23.78
C PHE B 323 9.14 11.83 -23.24
N VAL B 324 9.06 10.58 -23.69
CA VAL B 324 9.99 9.55 -23.26
C VAL B 324 11.42 9.95 -23.62
N GLU B 325 11.61 10.42 -24.84
CA GLU B 325 12.91 10.85 -25.33
C GLU B 325 13.45 11.96 -24.45
N ILE B 326 12.60 12.92 -24.11
CA ILE B 326 13.03 14.01 -23.25
C ILE B 326 13.46 13.51 -21.88
N VAL B 327 12.72 12.56 -21.32
CA VAL B 327 13.07 12.03 -20.01
C VAL B 327 14.40 11.26 -20.10
N ARG B 328 14.56 10.49 -21.17
CA ARG B 328 15.78 9.73 -21.36
C ARG B 328 17.02 10.61 -21.48
N ASN B 329 16.86 11.77 -22.10
CA ASN B 329 17.97 12.70 -22.33
C ASN B 329 18.24 13.76 -21.27
N ALA B 330 17.24 14.13 -20.48
CA ALA B 330 17.43 15.15 -19.47
C ALA B 330 18.58 14.82 -18.52
N GLU B 331 19.45 15.78 -18.28
CA GLU B 331 20.57 15.56 -17.40
C GLU B 331 20.27 15.91 -15.95
N ASN B 332 19.21 16.66 -15.71
CA ASN B 332 18.85 17.02 -14.34
C ASN B 332 17.44 17.57 -14.29
N LEU B 333 16.97 17.80 -13.07
CA LEU B 333 15.63 18.33 -12.85
C LEU B 333 15.31 19.57 -13.65
N ASP B 334 16.19 20.57 -13.57
CA ASP B 334 15.97 21.82 -14.28
C ASP B 334 15.93 21.62 -15.79
N GLU B 335 16.94 20.96 -16.33
CA GLU B 335 16.99 20.70 -17.76
C GLU B 335 15.71 19.98 -18.19
N LEU B 336 15.21 19.09 -17.35
CA LEU B 336 13.99 18.35 -17.66
C LEU B 336 12.83 19.33 -17.69
N ASP B 337 12.78 20.20 -16.68
CA ASP B 337 11.73 21.19 -16.59
C ASP B 337 11.58 22.01 -17.86
N SER B 338 12.62 22.76 -18.21
CA SER B 338 12.59 23.60 -19.41
C SER B 338 12.37 22.76 -20.66
N MET B 339 13.03 21.62 -20.70
CA MET B 339 12.90 20.70 -21.84
C MET B 339 11.44 20.32 -22.02
N LEU B 340 10.72 20.22 -20.90
CA LEU B 340 9.31 19.88 -20.94
C LEU B 340 8.50 21.08 -21.41
N GLU B 341 9.05 22.27 -21.20
CA GLU B 341 8.37 23.49 -21.65
C GLU B 341 8.30 23.49 -23.16
N ARG B 342 7.23 22.95 -23.70
CA ARG B 342 7.04 22.89 -25.15
C ARG B 342 5.65 23.41 -25.54
N GLU B 343 5.62 24.59 -26.16
CA GLU B 343 4.36 25.18 -26.57
C GLU B 343 3.95 24.74 -27.97
N THR B 349 -2.99 23.83 -28.18
CA THR B 349 -3.95 24.59 -27.37
C THR B 349 -5.35 24.02 -27.56
N SER B 350 -6.28 24.47 -26.71
CA SER B 350 -7.67 24.02 -26.77
C SER B 350 -7.80 22.67 -26.07
N VAL B 351 -8.62 22.66 -25.02
CA VAL B 351 -8.85 21.46 -24.24
C VAL B 351 -9.87 20.51 -24.89
N THR B 352 -9.58 19.22 -24.81
CA THR B 352 -10.45 18.19 -25.35
C THR B 352 -10.60 17.12 -24.27
N CYS B 353 -11.48 16.15 -24.50
CA CYS B 353 -11.70 15.09 -23.54
C CYS B 353 -10.43 14.27 -23.28
N TRP B 354 -9.42 14.46 -24.13
CA TRP B 354 -8.16 13.74 -23.97
C TRP B 354 -7.04 14.61 -23.36
N SER B 355 -7.39 15.78 -22.84
CA SER B 355 -6.40 16.68 -22.23
C SER B 355 -6.19 16.43 -20.74
N GLN B 356 -7.03 15.57 -20.17
CA GLN B 356 -6.92 15.25 -18.76
C GLN B 356 -7.49 13.87 -18.55
N PRO B 357 -7.14 13.23 -17.42
CA PRO B 357 -7.67 11.90 -17.15
C PRO B 357 -9.12 12.09 -16.75
N LEU B 358 -9.94 11.07 -16.99
CA LEU B 358 -11.36 11.10 -16.65
C LEU B 358 -11.74 9.77 -16.04
N PHE B 359 -12.47 9.82 -14.93
CA PHE B 359 -12.87 8.61 -14.24
C PHE B 359 -14.35 8.32 -14.48
N PHE B 360 -14.63 7.14 -15.02
CA PHE B 360 -16.01 6.74 -15.29
C PHE B 360 -16.43 5.55 -14.43
N VAL B 361 -17.59 5.68 -13.79
CA VAL B 361 -18.13 4.58 -13.01
C VAL B 361 -19.16 3.92 -13.93
N ASN B 362 -18.97 2.64 -14.22
CA ASN B 362 -19.92 1.91 -15.07
C ASN B 362 -20.99 1.31 -14.16
N LEU B 363 -22.01 2.10 -13.88
CA LEU B 363 -23.11 1.71 -13.01
C LEU B 363 -23.82 0.42 -13.40
N SER B 364 -23.58 -0.04 -14.61
CA SER B 364 -24.23 -1.26 -15.09
C SER B 364 -23.81 -2.49 -14.29
N LYS B 365 -22.53 -2.56 -13.94
CA LYS B 365 -21.99 -3.69 -13.18
C LYS B 365 -22.31 -3.63 -11.70
N SER B 366 -22.29 -2.43 -11.14
CA SER B 366 -22.54 -2.28 -9.72
C SER B 366 -24.01 -2.06 -9.33
N THR B 367 -24.77 -1.38 -10.19
CA THR B 367 -26.17 -1.09 -9.88
C THR B 367 -27.18 -1.60 -10.90
N GLY B 368 -26.70 -2.05 -12.06
CA GLY B 368 -27.60 -2.55 -13.08
C GLY B 368 -28.14 -1.46 -14.00
N VAL B 369 -27.96 -0.21 -13.60
CA VAL B 369 -28.43 0.93 -14.39
C VAL B 369 -27.48 1.26 -15.55
N ALA B 370 -28.03 1.28 -16.75
CA ALA B 370 -27.27 1.56 -17.97
C ALA B 370 -26.79 3.01 -18.10
N SER B 371 -25.97 3.44 -17.16
CA SER B 371 -25.45 4.80 -17.17
C SER B 371 -24.02 4.87 -16.65
N PHE B 372 -23.28 5.90 -17.09
CA PHE B 372 -21.90 6.12 -16.64
C PHE B 372 -21.86 7.36 -15.75
N MET B 373 -21.22 7.26 -14.59
CA MET B 373 -21.07 8.41 -13.72
C MET B 373 -19.60 8.80 -13.90
N MET B 374 -19.36 9.95 -14.51
CA MET B 374 -17.99 10.39 -14.77
C MET B 374 -17.54 11.50 -13.84
N LEU B 375 -16.30 11.41 -13.36
CA LEU B 375 -15.75 12.41 -12.47
C LEU B 375 -14.74 13.27 -13.22
N MET B 376 -14.73 14.56 -12.93
CA MET B 376 -13.81 15.48 -13.59
C MET B 376 -13.17 16.40 -12.56
N GLN B 377 -12.08 17.03 -12.95
CA GLN B 377 -11.34 17.88 -12.05
C GLN B 377 -11.05 19.27 -12.61
N ALA B 378 -10.70 20.20 -11.73
CA ALA B 378 -10.34 21.56 -12.13
C ALA B 378 -9.08 21.44 -12.98
N PRO B 379 -8.95 22.27 -14.02
CA PRO B 379 -9.87 23.31 -14.50
C PRO B 379 -11.02 22.86 -15.41
N LEU B 380 -11.02 21.61 -15.84
CA LEU B 380 -12.09 21.12 -16.72
C LEU B 380 -13.48 21.31 -16.12
N THR B 381 -13.64 20.93 -14.85
CA THR B 381 -14.92 21.03 -14.16
C THR B 381 -15.66 22.35 -14.35
N ASN B 382 -15.00 23.45 -14.03
CA ASN B 382 -15.56 24.80 -14.15
C ASN B 382 -16.04 25.05 -15.58
N HIS B 383 -15.23 24.61 -16.54
CA HIS B 383 -15.54 24.78 -17.95
C HIS B 383 -16.74 23.93 -18.40
N ILE B 384 -16.77 22.68 -17.98
CA ILE B 384 -17.87 21.82 -18.37
C ILE B 384 -19.18 22.21 -17.67
N GLU B 385 -19.11 22.58 -16.39
CA GLU B 385 -20.32 23.00 -15.69
C GLU B 385 -20.87 24.31 -16.27
N SER B 386 -19.98 25.14 -16.82
CA SER B 386 -20.39 26.41 -17.42
C SER B 386 -21.27 26.20 -18.65
N ILE B 387 -21.03 25.10 -19.37
CA ILE B 387 -21.83 24.82 -20.56
C ILE B 387 -22.78 23.65 -20.32
N ARG B 388 -23.25 23.48 -19.08
CA ARG B 388 -24.13 22.37 -18.71
C ARG B 388 -25.49 22.34 -19.40
N GLU B 389 -25.98 23.50 -19.82
CA GLU B 389 -27.28 23.59 -20.49
C GLU B 389 -27.18 23.23 -21.97
N ASP B 390 -25.97 23.29 -22.51
CA ASP B 390 -25.74 23.00 -23.91
C ASP B 390 -25.41 21.52 -24.12
N LYS B 391 -26.44 20.67 -24.10
CA LYS B 391 -26.26 19.24 -24.27
C LYS B 391 -25.53 18.84 -25.55
N GLU B 392 -25.80 19.54 -26.65
CA GLU B 392 -25.15 19.23 -27.92
C GLU B 392 -23.63 19.34 -27.82
N ARG B 393 -23.16 20.46 -27.28
CA ARG B 393 -21.74 20.68 -27.13
C ARG B 393 -21.16 19.64 -26.18
N LEU B 394 -21.90 19.34 -25.10
CA LEU B 394 -21.47 18.35 -24.12
C LEU B 394 -21.21 17.02 -24.79
N PHE B 395 -22.15 16.58 -25.61
CA PHE B 395 -21.98 15.32 -26.31
C PHE B 395 -20.78 15.35 -27.27
N SER B 396 -20.65 16.46 -27.99
CA SER B 396 -19.52 16.59 -28.92
C SER B 396 -18.20 16.54 -28.18
N PHE B 397 -18.15 17.17 -27.02
CA PHE B 397 -16.91 17.18 -26.24
C PHE B 397 -16.50 15.80 -25.75
N PHE B 398 -17.43 15.04 -25.20
CA PHE B 398 -17.13 13.71 -24.66
C PHE B 398 -17.29 12.53 -25.62
N GLN B 399 -17.84 12.77 -26.80
CA GLN B 399 -18.04 11.69 -27.75
C GLN B 399 -16.79 10.85 -28.03
N PRO B 400 -15.63 11.49 -28.27
CA PRO B 400 -14.45 10.65 -28.53
C PRO B 400 -14.01 9.69 -27.39
N VAL B 401 -14.09 10.13 -26.13
CA VAL B 401 -13.72 9.21 -25.05
C VAL B 401 -14.86 8.20 -24.85
N LEU B 402 -16.09 8.60 -25.14
CA LEU B 402 -17.22 7.69 -24.99
C LEU B 402 -17.12 6.57 -26.04
N ASN B 403 -16.66 6.91 -27.24
CA ASN B 403 -16.54 5.91 -28.31
C ASN B 403 -15.37 4.95 -28.07
N LYS B 404 -14.28 5.46 -27.49
CA LYS B 404 -13.12 4.62 -27.23
C LYS B 404 -13.47 3.60 -26.16
N ILE B 405 -14.19 4.05 -25.14
CA ILE B 405 -14.62 3.19 -24.05
C ILE B 405 -15.50 2.07 -24.58
N MET B 406 -16.50 2.44 -25.38
CA MET B 406 -17.41 1.48 -25.95
C MET B 406 -16.66 0.48 -26.82
N LYS B 407 -15.64 0.98 -27.53
CA LYS B 407 -14.85 0.11 -28.37
C LYS B 407 -14.07 -0.87 -27.49
N CYS B 408 -13.48 -0.36 -26.42
CA CYS B 408 -12.72 -1.23 -25.53
C CYS B 408 -13.62 -2.17 -24.73
N LEU B 409 -14.92 -1.88 -24.68
CA LEU B 409 -15.85 -2.74 -23.96
C LEU B 409 -16.70 -3.58 -24.90
N ASP B 410 -16.14 -3.91 -26.06
CA ASP B 410 -16.81 -4.74 -27.06
C ASP B 410 -18.15 -4.21 -27.56
N SER B 411 -18.20 -2.92 -27.83
CA SER B 411 -19.42 -2.31 -28.33
C SER B 411 -19.04 -1.38 -29.48
N GLU B 412 -19.94 -0.49 -29.87
CA GLU B 412 -19.64 0.42 -30.95
C GLU B 412 -19.91 1.88 -30.59
N ASP B 413 -19.70 2.77 -31.55
CA ASP B 413 -19.91 4.19 -31.34
C ASP B 413 -21.28 4.55 -30.78
N VAL B 414 -21.28 5.50 -29.86
CA VAL B 414 -22.50 5.97 -29.22
C VAL B 414 -23.43 6.67 -30.22
N ILE B 415 -24.74 6.44 -30.09
CA ILE B 415 -25.73 7.07 -30.95
C ILE B 415 -26.40 8.20 -30.17
N ASP B 416 -26.40 9.40 -30.74
CA ASP B 416 -26.98 10.57 -30.08
C ASP B 416 -28.50 10.53 -30.14
N GLY B 417 -29.11 10.15 -29.03
CA GLY B 417 -30.56 10.06 -28.97
C GLY B 417 -31.11 10.96 -27.89
N MET B 418 -30.40 12.05 -27.62
CA MET B 418 -30.84 13.01 -26.61
C MET B 418 -32.11 13.69 -27.09
N ARG B 419 -32.29 13.71 -28.41
CA ARG B 419 -33.48 14.25 -29.04
C ARG B 419 -33.99 13.02 -29.78
N PRO B 420 -34.58 12.08 -29.03
CA PRO B 420 -35.13 10.81 -29.49
C PRO B 420 -35.81 10.74 -30.85
N ILE B 421 -35.59 9.60 -31.50
CA ILE B 421 -36.12 9.26 -32.81
C ILE B 421 -36.06 7.74 -32.87
N GLU B 422 -37.08 7.08 -32.35
CA GLU B 422 -37.14 5.62 -32.32
C GLU B 422 -36.72 5.01 -33.66
N ASN B 423 -35.60 4.28 -33.64
CA ASN B 423 -35.05 3.65 -34.84
C ASN B 423 -34.61 2.22 -34.53
N ILE B 424 -35.23 1.25 -35.21
CA ILE B 424 -34.89 -0.14 -34.98
C ILE B 424 -33.45 -0.48 -35.33
N ALA B 425 -32.82 0.38 -36.13
CA ALA B 425 -31.43 0.18 -36.53
C ALA B 425 -30.52 0.06 -35.32
N ASN B 426 -30.89 0.74 -34.24
CA ASN B 426 -30.11 0.73 -33.01
C ASN B 426 -30.27 -0.61 -32.28
N ALA B 427 -29.78 -1.68 -32.91
CA ALA B 427 -29.88 -2.99 -32.28
C ALA B 427 -29.05 -3.02 -31.02
N ASN B 428 -27.80 -3.44 -31.15
CA ASN B 428 -26.89 -3.51 -30.02
C ASN B 428 -25.91 -2.34 -30.07
N LYS B 429 -26.46 -1.16 -30.34
CA LYS B 429 -25.66 0.06 -30.41
C LYS B 429 -25.97 0.87 -29.16
N PRO B 430 -24.96 1.49 -28.55
CA PRO B 430 -25.25 2.27 -27.35
C PRO B 430 -25.94 3.58 -27.72
N VAL B 431 -27.12 3.82 -27.14
CA VAL B 431 -27.91 5.01 -27.43
C VAL B 431 -27.99 5.94 -26.23
N LEU B 432 -27.38 7.12 -26.35
CA LEU B 432 -27.38 8.12 -25.28
C LEU B 432 -28.70 8.87 -25.30
N ARG B 433 -29.37 8.93 -24.15
CA ARG B 433 -30.66 9.59 -24.05
C ARG B 433 -30.62 10.87 -23.23
N ASN B 434 -29.64 10.97 -22.34
CA ASN B 434 -29.56 12.15 -21.50
C ASN B 434 -28.17 12.38 -20.92
N ILE B 435 -27.89 13.64 -20.59
CA ILE B 435 -26.62 14.02 -20.00
C ILE B 435 -26.94 14.94 -18.83
N ILE B 436 -26.37 14.64 -17.66
CA ILE B 436 -26.59 15.45 -16.47
C ILE B 436 -25.23 15.97 -16.01
N VAL B 437 -25.19 17.22 -15.57
CA VAL B 437 -23.94 17.85 -15.12
C VAL B 437 -24.13 18.49 -13.74
N SER B 438 -23.09 18.39 -12.92
CA SER B 438 -23.11 18.99 -11.59
C SER B 438 -23.01 20.50 -11.81
N ASN B 439 -22.92 21.27 -10.73
CA ASN B 439 -22.85 22.72 -10.85
C ASN B 439 -22.28 23.33 -9.58
N TRP B 440 -21.52 22.52 -8.83
CA TRP B 440 -20.93 22.93 -7.57
C TRP B 440 -20.03 24.17 -7.62
N THR B 441 -19.36 24.38 -8.74
CA THR B 441 -18.47 25.53 -8.86
C THR B 441 -19.20 26.84 -9.15
N ARG B 442 -20.46 26.76 -9.55
CA ARG B 442 -21.22 27.97 -9.86
C ARG B 442 -22.33 28.23 -8.84
N ASP B 443 -22.50 27.29 -7.90
CA ASP B 443 -23.50 27.40 -6.84
C ASP B 443 -22.83 28.23 -5.74
N PRO B 444 -23.35 29.43 -5.46
CA PRO B 444 -22.76 30.29 -4.43
C PRO B 444 -22.71 29.67 -3.03
N TYR B 445 -23.55 28.66 -2.79
CA TYR B 445 -23.58 28.02 -1.48
C TYR B 445 -22.62 26.84 -1.34
N SER B 446 -21.93 26.51 -2.43
CA SER B 446 -20.95 25.44 -2.40
C SER B 446 -19.61 25.96 -2.92
N ARG B 447 -19.62 26.61 -4.08
CA ARG B 447 -18.41 27.20 -4.68
C ARG B 447 -17.24 26.24 -4.75
N GLY B 448 -17.51 25.02 -5.20
CA GLY B 448 -16.47 24.00 -5.30
C GLY B 448 -16.97 22.70 -4.72
N ALA B 449 -16.08 21.72 -4.60
CA ALA B 449 -16.48 20.42 -4.06
C ALA B 449 -16.20 20.21 -2.58
N TYR B 450 -14.93 20.29 -2.20
CA TYR B 450 -14.50 20.10 -0.83
C TYR B 450 -13.06 20.53 -0.69
N SER B 451 -12.66 20.85 0.54
CA SER B 451 -11.30 21.30 0.82
C SER B 451 -10.24 20.45 0.13
N ALA B 452 -9.24 21.12 -0.44
CA ALA B 452 -8.15 20.47 -1.14
C ALA B 452 -6.85 21.26 -0.94
N CYS B 453 -5.72 20.58 -1.10
CA CYS B 453 -4.41 21.21 -0.90
C CYS B 453 -3.63 21.63 -2.14
N PHE B 454 -3.25 22.90 -2.18
CA PHE B 454 -2.43 23.43 -3.27
C PHE B 454 -1.04 23.24 -2.68
N PRO B 455 0.00 23.22 -3.53
CA PRO B 455 1.34 23.05 -2.95
C PRO B 455 1.65 24.12 -1.90
N GLY B 456 2.15 23.67 -0.74
CA GLY B 456 2.48 24.59 0.32
C GLY B 456 1.42 24.72 1.38
N ASP B 457 0.32 23.99 1.24
CA ASP B 457 -0.76 24.03 2.21
C ASP B 457 -0.51 23.16 3.43
N ASP B 458 -1.25 23.43 4.49
CA ASP B 458 -1.15 22.67 5.73
C ASP B 458 -2.57 22.54 6.29
N PRO B 459 -3.29 21.48 5.90
CA PRO B 459 -4.66 21.22 6.34
C PRO B 459 -4.90 21.24 7.85
N VAL B 460 -3.91 20.81 8.63
CA VAL B 460 -4.04 20.78 10.08
C VAL B 460 -4.49 22.14 10.65
N ASP B 461 -3.90 23.23 10.15
CA ASP B 461 -4.24 24.58 10.61
C ASP B 461 -5.75 24.80 10.76
N MET B 462 -6.46 24.63 9.65
CA MET B 462 -7.90 24.82 9.65
C MET B 462 -8.62 23.89 10.61
N VAL B 463 -8.20 22.62 10.66
CA VAL B 463 -8.85 21.66 11.56
C VAL B 463 -8.75 22.16 12.99
N VAL B 464 -7.54 22.53 13.40
CA VAL B 464 -7.32 23.03 14.75
C VAL B 464 -8.16 24.27 15.06
N ALA B 465 -8.08 25.27 14.19
CA ALA B 465 -8.84 26.50 14.37
C ALA B 465 -10.35 26.24 14.39
N MET B 466 -10.85 25.53 13.40
CA MET B 466 -12.28 25.23 13.33
C MET B 466 -12.76 24.45 14.55
N SER B 467 -12.03 23.39 14.91
CA SER B 467 -12.39 22.57 16.06
C SER B 467 -12.34 23.32 17.38
N ASN B 468 -11.47 24.32 17.46
CA ASN B 468 -11.35 25.12 18.68
C ASN B 468 -12.51 26.11 18.74
N GLY B 469 -13.07 26.42 17.57
CA GLY B 469 -14.19 27.35 17.49
C GLY B 469 -13.78 28.80 17.64
N GLN B 470 -14.68 29.71 17.24
CA GLN B 470 -14.44 31.14 17.35
C GLN B 470 -14.37 31.50 18.83
N ASP B 471 -15.19 30.80 19.62
CA ASP B 471 -15.23 30.96 21.07
C ASP B 471 -16.17 29.91 21.65
N SER B 472 -16.52 30.07 22.93
CA SER B 472 -17.38 29.12 23.60
C SER B 472 -18.76 28.89 23.03
N ARG B 473 -19.35 29.92 22.42
CA ARG B 473 -20.69 29.81 21.86
C ARG B 473 -20.70 29.67 20.33
N ILE B 474 -19.65 30.16 19.68
CA ILE B 474 -19.55 30.09 18.22
C ILE B 474 -18.71 28.90 17.79
N ARG B 475 -19.38 27.82 17.37
CA ARG B 475 -18.69 26.59 16.95
C ARG B 475 -18.76 26.34 15.45
N PHE B 476 -17.94 25.41 14.98
CA PHE B 476 -17.92 25.06 13.57
C PHE B 476 -17.94 23.56 13.36
N ALA B 477 -18.61 23.14 12.29
CA ALA B 477 -18.70 21.74 11.92
C ALA B 477 -18.54 21.76 10.41
N GLY B 478 -18.48 20.58 9.80
CA GLY B 478 -18.31 20.51 8.36
C GLY B 478 -17.11 19.66 8.00
N GLU B 479 -17.06 19.18 6.76
CA GLU B 479 -15.97 18.31 6.33
C GLU B 479 -14.59 18.94 6.43
N HIS B 480 -14.54 20.25 6.65
CA HIS B 480 -13.27 20.98 6.74
C HIS B 480 -12.91 21.30 8.20
N THR B 481 -13.60 20.66 9.14
CA THR B 481 -13.35 20.93 10.55
C THR B 481 -12.89 19.72 11.37
N ILE B 482 -12.42 18.67 10.71
CA ILE B 482 -12.01 17.47 11.42
C ILE B 482 -10.91 16.70 10.67
N MET B 483 -10.09 15.96 11.42
CA MET B 483 -8.99 15.21 10.83
C MET B 483 -9.39 13.88 10.22
N ASP B 484 -10.03 13.02 11.00
CA ASP B 484 -10.48 11.73 10.47
C ASP B 484 -11.66 11.98 9.55
N GLY B 485 -11.52 11.62 8.27
CA GLY B 485 -12.61 11.83 7.34
C GLY B 485 -12.68 13.26 6.82
N ALA B 486 -11.56 13.98 6.90
CA ALA B 486 -11.51 15.35 6.42
C ALA B 486 -11.92 15.35 4.96
N GLY B 487 -12.75 16.31 4.58
CA GLY B 487 -13.23 16.39 3.20
C GLY B 487 -14.30 15.36 2.87
N CYS B 488 -14.62 14.48 3.81
CA CYS B 488 -15.60 13.43 3.54
C CYS B 488 -16.97 13.59 4.23
N ALA B 489 -17.96 12.87 3.70
CA ALA B 489 -19.30 12.91 4.26
C ALA B 489 -19.27 12.48 5.73
N TYR B 490 -18.62 11.35 6.02
CA TYR B 490 -18.57 10.88 7.40
C TYR B 490 -17.77 11.82 8.29
N GLY B 491 -16.80 12.51 7.71
CA GLY B 491 -16.03 13.45 8.51
C GLY B 491 -16.98 14.54 8.97
N ALA B 492 -17.71 15.14 8.02
CA ALA B 492 -18.66 16.20 8.33
C ALA B 492 -19.74 15.73 9.32
N TRP B 493 -20.24 14.51 9.09
CA TRP B 493 -21.25 13.90 9.95
C TRP B 493 -20.73 13.89 11.39
N GLU B 494 -19.52 13.37 11.59
CA GLU B 494 -18.91 13.30 12.92
C GLU B 494 -18.68 14.69 13.50
N SER B 495 -18.22 15.62 12.67
CA SER B 495 -17.98 16.98 13.16
C SER B 495 -19.30 17.54 13.70
N GLY B 496 -20.40 17.11 13.10
CA GLY B 496 -21.71 17.58 13.54
C GLY B 496 -22.03 17.03 14.92
N ARG B 497 -21.75 15.74 15.12
CA ARG B 497 -21.98 15.09 16.40
C ARG B 497 -21.09 15.74 17.46
N ARG B 498 -19.87 16.06 17.08
CA ARG B 498 -18.90 16.67 17.98
C ARG B 498 -19.48 17.91 18.66
N GLU B 499 -19.82 18.91 17.86
CA GLU B 499 -20.35 20.16 18.39
C GLU B 499 -21.64 20.03 19.20
N ALA B 500 -22.55 19.16 18.76
CA ALA B 500 -23.81 18.96 19.45
C ALA B 500 -23.61 18.29 20.80
N THR B 501 -22.84 17.21 20.82
CA THR B 501 -22.57 16.49 22.08
C THR B 501 -21.89 17.42 23.10
N ARG B 502 -20.98 18.27 22.63
CA ARG B 502 -20.29 19.21 23.50
C ARG B 502 -21.28 20.18 24.13
N ILE B 503 -22.15 20.74 23.28
CA ILE B 503 -23.16 21.69 23.73
C ILE B 503 -24.19 20.94 24.59
N SER B 504 -24.51 19.73 24.18
CA SER B 504 -25.47 18.90 24.90
C SER B 504 -25.02 18.67 26.36
N ASP B 505 -23.76 18.32 26.56
CA ASP B 505 -23.24 18.09 27.90
C ASP B 505 -23.23 19.39 28.70
N LEU B 506 -22.92 20.51 28.03
CA LEU B 506 -22.86 21.81 28.68
C LEU B 506 -24.23 22.29 29.19
N LEU B 507 -25.28 22.04 28.41
CA LEU B 507 -26.61 22.46 28.81
C LEU B 507 -27.11 21.60 29.97
N LYS B 508 -26.82 20.30 29.92
CA LYS B 508 -27.23 19.37 30.97
C LYS B 508 -26.56 19.71 32.31
N LEU B 509 -25.30 20.13 32.26
CA LEU B 509 -24.57 20.46 33.48
C LEU B 509 -25.12 21.73 34.14
N GLU B 510 -25.88 22.52 33.39
CA GLU B 510 -26.48 23.72 33.96
C GLU B 510 -27.55 23.22 34.95
N HIS B 511 -27.75 21.90 34.96
CA HIS B 511 -28.68 21.20 35.83
C HIS B 511 -30.07 21.81 35.98
#